data_6FYC
#
_entry.id   6FYC
#
_cell.length_a   79.794
_cell.length_b   87.358
_cell.length_c   128.287
_cell.angle_alpha   90.00
_cell.angle_beta   90.00
_cell.angle_gamma   90.00
#
_symmetry.space_group_name_H-M   'P 21 2 21'
#
loop_
_entity.id
_entity.type
_entity.pdbx_description
1 polymer 'Putative FAD-dependent oxygenase EncM'
2 non-polymer 'FLAVIN-ADENINE DINUCLEOTIDE'
3 non-polymer 'OXYGEN MOLECULE'
4 water water
#
_entity_poly.entity_id   1
_entity_poly.type   'polypeptide(L)'
_entity_poly.pdbx_seq_one_letter_code
;MQFPQLDPATLAAFSAAFRGELIWPSDADYDEARRIWNGTIDRRPALIARCTSTPDVVAAVSFARKSGLLVAVRGGGHSM
AGHSVCDGGIVIDLSLMNSIKVSRRLRRARAQGGCLLGAFDTATQAHMLATPAGVVSHTGLGGMVLGGGFGWLSRKYGLS
IDNLTSVEIVTADGGVLTASDTENPDLFWAVRGGGGNFGVVTAFEFDLHRVGPVRFASTYYSLDEGPQVIRAWRDHMATA
PDELTWALYLRLAPPLPELPADMHGKPVICAMSCWIGDPHEGERQLESILHAGKPHGLTKATLPYRALQAYSFPGAVVPD
RIYTKSGYLNELSDEATDTVLEHAADIASPFTQLELLYLGGAVARVPDDATAYPNRQSPFVTNLAAAWMDPTEDARHTAW
AREGYRALAGHLSGGYVNFMNPGEADRTREAYGAAKFERLQGVKAKYDPTNLFRLNQNIPPSSP
;
_entity_poly.pdbx_strand_id   A,B
#
loop_
_chem_comp.id
_chem_comp.type
_chem_comp.name
_chem_comp.formula
FAD non-polymer 'FLAVIN-ADENINE DINUCLEOTIDE' 'C27 H33 N9 O15 P2'
OXY non-polymer 'OXYGEN MOLECULE' O2
#
# COMPACT_ATOMS: atom_id res chain seq x y z
N GLN A 5 6.97 11.41 -0.52
CA GLN A 5 7.09 10.46 -1.63
C GLN A 5 8.01 10.97 -2.74
N LEU A 6 9.09 10.25 -2.97
CA LEU A 6 10.27 10.78 -3.63
C LEU A 6 10.50 10.08 -4.96
N ASP A 7 11.30 10.72 -5.80
CA ASP A 7 11.62 10.19 -7.12
C ASP A 7 12.43 8.90 -6.99
N PRO A 8 11.97 7.80 -7.58
CA PRO A 8 12.66 6.52 -7.37
C PRO A 8 14.08 6.49 -7.91
N ALA A 9 14.38 7.25 -8.97
CA ALA A 9 15.74 7.26 -9.49
C ALA A 9 16.65 8.16 -8.67
N THR A 10 16.14 9.30 -8.21
CA THR A 10 16.88 10.13 -7.26
C THR A 10 17.13 9.38 -5.96
N LEU A 11 16.09 8.77 -5.39
CA LEU A 11 16.28 7.91 -4.23
C LEU A 11 17.35 6.86 -4.52
N ALA A 12 17.24 6.20 -5.67
CA ALA A 12 18.16 5.10 -5.99
C ALA A 12 19.57 5.62 -6.22
N ALA A 13 19.72 6.80 -6.84
CA ALA A 13 21.05 7.38 -6.98
C ALA A 13 21.62 7.74 -5.62
N PHE A 14 20.80 8.40 -4.79
CA PHE A 14 21.19 8.69 -3.41
C PHE A 14 21.67 7.43 -2.71
N SER A 15 20.79 6.42 -2.59
CA SER A 15 21.19 5.18 -1.92
C SER A 15 22.44 4.57 -2.53
N ALA A 16 22.61 4.72 -3.85
CA ALA A 16 23.80 4.16 -4.51
C ALA A 16 25.07 4.80 -3.99
N ALA A 17 25.03 6.11 -3.71
CA ALA A 17 26.18 6.86 -3.23
C ALA A 17 26.30 6.89 -1.70
N PHE A 18 25.36 6.27 -0.99
CA PHE A 18 25.24 6.40 0.46
C PHE A 18 25.56 5.05 1.10
N ARG A 19 26.55 5.04 1.98
CA ARG A 19 26.96 3.84 2.70
C ARG A 19 26.59 3.88 4.16
N GLY A 20 25.85 4.90 4.58
CA GLY A 20 25.37 5.02 5.93
C GLY A 20 24.05 4.31 6.12
N GLU A 21 23.36 4.66 7.20
CA GLU A 21 22.10 4.03 7.53
C GLU A 21 20.95 4.97 7.24
N LEU A 22 19.90 4.46 6.61
CA LEU A 22 18.67 5.22 6.39
C LEU A 22 17.60 4.74 7.34
N ILE A 23 16.94 5.69 8.00
CA ILE A 23 15.88 5.37 8.95
C ILE A 23 14.59 6.00 8.43
N TRP A 24 13.62 5.14 8.13
CA TRP A 24 12.34 5.53 7.56
C TRP A 24 11.28 5.54 8.66
N PRO A 25 10.16 6.22 8.44
CA PRO A 25 9.13 6.27 9.49
C PRO A 25 8.63 4.90 9.95
N SER A 26 8.76 3.88 9.11
CA SER A 26 8.29 2.55 9.44
C SER A 26 9.27 1.75 10.29
N ASP A 27 10.55 2.14 10.31
CA ASP A 27 11.56 1.35 11.01
C ASP A 27 11.39 1.44 12.52
N ALA A 28 11.80 0.37 13.21
CA ALA A 28 11.72 0.33 14.67
C ALA A 28 12.39 1.55 15.29
N ASP A 29 13.68 1.73 14.99
CA ASP A 29 14.40 2.83 15.66
C ASP A 29 14.04 4.23 15.17
N TYR A 30 12.98 4.43 14.38
CA TYR A 30 12.61 5.78 13.93
C TYR A 30 12.25 6.68 15.11
N ASP A 31 11.38 6.21 15.99
CA ASP A 31 10.85 7.10 17.03
C ASP A 31 11.92 7.55 18.01
N GLU A 32 12.93 6.72 18.28
CA GLU A 32 14.04 7.17 19.12
C GLU A 32 15.01 8.07 18.36
N ALA A 33 15.33 7.72 17.11
CA ALA A 33 16.30 8.48 16.32
C ALA A 33 15.85 9.90 16.08
N ARG A 34 14.55 10.15 16.06
CA ARG A 34 14.06 11.50 15.78
C ARG A 34 13.95 12.34 17.05
N ARG A 35 14.21 11.78 18.23
CA ARG A 35 14.19 12.55 19.46
C ARG A 35 15.47 13.36 19.62
N ILE A 36 15.34 14.58 20.12
CA ILE A 36 16.48 15.41 20.43
C ILE A 36 16.44 15.78 21.89
N TRP A 37 17.49 16.47 22.35
CA TRP A 37 17.64 16.74 23.77
C TRP A 37 16.48 17.57 24.31
N ASN A 38 16.02 18.58 23.56
CA ASN A 38 14.82 19.35 23.93
C ASN A 38 13.59 18.51 23.62
N GLY A 39 13.04 17.85 24.64
CA GLY A 39 11.91 16.94 24.47
C GLY A 39 10.58 17.60 24.23
N THR A 40 10.52 18.94 24.24
CA THR A 40 9.34 19.67 23.78
C THR A 40 9.21 19.67 22.27
N ILE A 41 10.27 19.29 21.55
CA ILE A 41 10.25 19.30 20.09
C ILE A 41 9.93 17.89 19.63
N ASP A 42 8.78 17.74 18.98
CA ASP A 42 8.27 16.45 18.52
C ASP A 42 8.00 16.57 17.03
N ARG A 43 8.89 16.03 16.21
CA ARG A 43 8.81 16.23 14.78
C ARG A 43 9.10 14.93 14.07
N ARG A 44 8.50 14.78 12.89
CA ARG A 44 8.57 13.53 12.14
C ARG A 44 9.21 13.80 10.79
N PRO A 45 10.50 13.52 10.63
CA PRO A 45 11.11 13.69 9.31
C PRO A 45 10.59 12.63 8.35
N ALA A 46 10.68 12.96 7.07
CA ALA A 46 10.42 11.94 6.06
C ALA A 46 11.50 10.86 6.09
N LEU A 47 12.73 11.21 6.48
CA LEU A 47 13.86 10.30 6.41
C LEU A 47 14.94 10.81 7.34
N ILE A 48 15.64 9.88 7.99
CA ILE A 48 16.84 10.20 8.76
C ILE A 48 18.00 9.50 8.06
N ALA A 49 18.99 10.27 7.64
CA ALA A 49 20.15 9.75 6.94
C ALA A 49 21.34 9.84 7.89
N ARG A 50 21.73 8.71 8.48
CA ARG A 50 22.86 8.65 9.40
C ARG A 50 24.12 8.50 8.57
N CYS A 51 24.80 9.62 8.33
CA CYS A 51 25.98 9.65 7.47
C CYS A 51 27.18 9.07 8.21
N THR A 52 28.09 8.46 7.45
CA THR A 52 29.26 7.79 8.01
C THR A 52 30.56 8.26 7.40
N SER A 53 30.50 9.22 6.48
CA SER A 53 31.67 9.67 5.75
C SER A 53 31.32 11.00 5.09
N THR A 54 32.36 11.74 4.74
CA THR A 54 32.10 12.95 3.96
C THR A 54 31.38 12.66 2.66
N PRO A 55 31.76 11.64 1.86
CA PRO A 55 30.92 11.33 0.69
C PRO A 55 29.47 11.02 1.04
N ASP A 56 29.18 10.42 2.21
CA ASP A 56 27.77 10.24 2.61
C ASP A 56 27.05 11.58 2.68
N VAL A 57 27.67 12.57 3.32
CA VAL A 57 27.04 13.88 3.48
C VAL A 57 26.83 14.56 2.14
N VAL A 58 27.85 14.50 1.26
CA VAL A 58 27.70 15.01 -0.11
C VAL A 58 26.45 14.43 -0.75
N ALA A 59 26.28 13.11 -0.62
CA ALA A 59 25.13 12.44 -1.22
C ALA A 59 23.83 12.96 -0.61
N ALA A 60 23.78 13.10 0.71
CA ALA A 60 22.54 13.54 1.36
C ALA A 60 22.21 14.98 1.01
N VAL A 61 23.20 15.87 1.03
CA VAL A 61 22.96 17.27 0.68
C VAL A 61 22.42 17.38 -0.74
N SER A 62 23.08 16.73 -1.70
CA SER A 62 22.61 16.82 -3.08
C SER A 62 21.22 16.20 -3.24
N PHE A 63 20.98 15.09 -2.54
CA PHE A 63 19.67 14.46 -2.62
C PHE A 63 18.59 15.37 -2.06
N ALA A 64 18.86 16.00 -0.91
CA ALA A 64 17.91 16.96 -0.36
C ALA A 64 17.70 18.12 -1.32
N ARG A 65 18.77 18.58 -1.96
CA ARG A 65 18.66 19.68 -2.90
C ARG A 65 17.82 19.29 -4.11
N LYS A 66 18.08 18.12 -4.71
CA LYS A 66 17.34 17.77 -5.92
C LYS A 66 15.89 17.42 -5.59
N SER A 67 15.65 16.83 -4.43
CA SER A 67 14.29 16.48 -4.00
C SER A 67 13.54 17.65 -3.41
N GLY A 68 14.22 18.75 -3.08
CA GLY A 68 13.56 19.83 -2.40
C GLY A 68 13.12 19.52 -0.99
N LEU A 69 13.87 18.67 -0.28
CA LEU A 69 13.54 18.32 1.09
C LEU A 69 14.14 19.34 2.06
N LEU A 70 13.32 19.77 3.02
CA LEU A 70 13.80 20.61 4.12
C LEU A 70 14.93 19.93 4.89
N VAL A 71 16.05 20.64 5.06
CA VAL A 71 17.26 20.06 5.64
C VAL A 71 17.38 20.44 7.10
N ALA A 72 17.35 19.43 7.98
CA ALA A 72 17.85 19.51 9.34
C ALA A 72 19.21 18.83 9.39
N VAL A 73 20.18 19.48 10.01
CA VAL A 73 21.48 18.89 10.28
C VAL A 73 21.57 18.59 11.78
N ARG A 74 22.05 17.39 12.13
CA ARG A 74 22.19 17.00 13.53
C ARG A 74 23.62 16.60 13.83
N GLY A 75 24.23 17.26 14.82
CA GLY A 75 25.48 16.85 15.40
C GLY A 75 25.22 16.07 16.67
N GLY A 76 25.20 16.76 17.81
CA GLY A 76 24.91 16.10 19.07
C GLY A 76 23.48 16.26 19.54
N GLY A 77 22.71 17.05 18.80
CA GLY A 77 21.28 17.16 19.04
C GLY A 77 20.89 18.02 20.21
N HIS A 78 21.75 18.95 20.62
CA HIS A 78 21.51 19.77 21.79
C HIS A 78 20.83 21.08 21.48
N SER A 79 20.41 21.30 20.25
CA SER A 79 19.76 22.57 19.88
C SER A 79 18.65 22.96 20.83
N MET A 80 18.85 24.06 21.55
CA MET A 80 17.80 24.59 22.40
C MET A 80 16.61 25.04 21.60
N ALA A 81 16.79 25.33 20.31
CA ALA A 81 15.70 25.72 19.43
C ALA A 81 15.07 24.54 18.72
N GLY A 82 15.59 23.32 18.91
CA GLY A 82 15.03 22.18 18.21
C GLY A 82 15.38 22.07 16.75
N HIS A 83 16.47 22.72 16.32
CA HIS A 83 16.82 22.81 14.89
C HIS A 83 17.29 21.49 14.29
N SER A 84 17.65 20.51 15.11
CA SER A 84 18.24 19.28 14.60
C SER A 84 17.20 18.19 14.28
N VAL A 85 15.91 18.52 14.28
CA VAL A 85 14.87 17.66 13.77
C VAL A 85 13.81 18.50 13.06
N CYS A 86 13.20 17.93 12.01
CA CYS A 86 12.22 18.63 11.18
C CYS A 86 11.02 17.73 10.91
N ASP A 87 9.89 18.37 10.57
CA ASP A 87 8.70 17.70 10.05
C ASP A 87 8.78 17.66 8.52
N GLY A 88 8.77 16.45 7.95
CA GLY A 88 8.63 16.27 6.51
C GLY A 88 9.91 16.35 5.69
N GLY A 89 11.03 16.70 6.28
CA GLY A 89 12.24 16.79 5.48
C GLY A 89 13.19 15.65 5.74
N ILE A 90 14.47 15.91 5.56
CA ILE A 90 15.50 14.92 5.83
C ILE A 90 16.35 15.43 6.98
N VAL A 91 16.67 14.56 7.92
CA VAL A 91 17.70 14.85 8.90
C VAL A 91 19.00 14.27 8.38
N ILE A 92 19.96 15.15 8.09
CA ILE A 92 21.33 14.76 7.83
C ILE A 92 21.99 14.59 9.20
N ASP A 93 22.05 13.35 9.68
CA ASP A 93 22.45 13.01 11.04
C ASP A 93 23.91 12.60 11.01
N LEU A 94 24.76 13.35 11.71
CA LEU A 94 26.20 13.12 11.71
C LEU A 94 26.67 12.30 12.90
N SER A 95 25.74 11.82 13.73
CA SER A 95 26.11 11.31 15.05
C SER A 95 27.04 10.10 14.98
N LEU A 96 27.08 9.37 13.85
CA LEU A 96 28.01 8.24 13.69
C LEU A 96 29.39 8.67 13.21
N MET A 97 29.55 9.93 12.81
CA MET A 97 30.85 10.46 12.40
C MET A 97 31.48 11.10 13.63
N ASN A 98 32.17 10.27 14.41
N ASN A 98 32.18 10.31 14.44
CA ASN A 98 32.74 10.59 15.72
CA ASN A 98 32.80 10.84 15.64
C ASN A 98 34.26 10.38 15.75
C ASN A 98 34.26 10.40 15.74
N SER A 99 34.90 10.14 14.61
CA SER A 99 36.33 9.85 14.60
C SER A 99 37.14 11.08 14.99
N ILE A 100 38.19 10.87 15.76
CA ILE A 100 39.11 11.93 16.18
C ILE A 100 40.54 11.44 15.94
N LYS A 101 41.38 12.31 15.40
CA LYS A 101 42.82 12.11 15.35
C LYS A 101 43.48 13.19 16.17
N VAL A 102 44.38 12.79 17.08
CA VAL A 102 45.18 13.74 17.85
C VAL A 102 46.64 13.47 17.55
N SER A 103 47.38 14.52 17.20
CA SER A 103 48.82 14.47 17.12
C SER A 103 49.41 15.18 18.33
N ARG A 104 50.15 14.44 19.16
CA ARG A 104 50.83 15.02 20.31
C ARG A 104 51.99 15.91 19.86
N ARG A 105 52.74 15.49 18.84
CA ARG A 105 53.82 16.33 18.28
C ARG A 105 53.33 17.74 17.92
N LEU A 106 52.30 17.80 17.10
CA LEU A 106 51.74 19.04 16.56
C LEU A 106 50.87 19.81 17.53
N ARG A 107 50.36 19.14 18.54
CA ARG A 107 49.40 19.75 19.42
C ARG A 107 48.18 20.16 18.58
N ARG A 108 47.68 19.22 17.77
CA ARG A 108 46.52 19.39 16.88
C ARG A 108 45.53 18.22 16.97
N ALA A 109 44.24 18.48 16.83
CA ALA A 109 43.25 17.44 16.76
C ALA A 109 42.32 17.68 15.60
N ARG A 110 41.96 16.60 14.93
CA ARG A 110 40.98 16.67 13.85
C ARG A 110 39.79 15.83 14.28
N ALA A 111 38.60 16.42 14.27
CA ALA A 111 37.41 15.72 14.77
C ALA A 111 36.29 15.79 13.75
N GLN A 112 35.60 14.65 13.57
CA GLN A 112 34.49 14.62 12.64
C GLN A 112 33.32 15.43 13.19
N GLY A 113 32.45 15.88 12.28
CA GLY A 113 31.43 16.85 12.64
C GLY A 113 30.31 16.32 13.50
N GLY A 114 30.27 15.01 13.76
CA GLY A 114 29.28 14.43 14.63
C GLY A 114 29.78 14.11 16.02
N CYS A 115 31.03 14.45 16.32
CA CYS A 115 31.63 14.15 17.62
C CYS A 115 30.84 14.72 18.77
N LEU A 116 30.78 13.99 19.87
CA LEU A 116 30.38 14.57 21.14
C LEU A 116 31.61 15.08 21.86
N LEU A 117 31.43 16.11 22.67
CA LEU A 117 32.58 16.75 23.33
C LEU A 117 33.33 15.78 24.21
N GLY A 118 32.62 14.91 24.95
CA GLY A 118 33.29 13.96 25.83
C GLY A 118 34.22 13.01 25.09
N ALA A 119 33.87 12.64 23.86
CA ALA A 119 34.76 11.81 23.06
C ALA A 119 36.01 12.58 22.67
N PHE A 120 35.84 13.86 22.33
CA PHE A 120 36.97 14.71 21.96
C PHE A 120 37.89 14.94 23.15
N ASP A 121 37.33 15.35 24.29
CA ASP A 121 38.15 15.58 25.48
C ASP A 121 38.89 14.31 25.89
N THR A 122 38.24 13.14 25.80
CA THR A 122 38.92 11.89 26.11
C THR A 122 40.16 11.73 25.25
N ALA A 123 39.99 11.91 23.93
CA ALA A 123 41.09 11.72 23.00
C ALA A 123 42.22 12.72 23.23
N THR A 124 41.90 14.00 23.46
CA THR A 124 43.00 14.95 23.66
C THR A 124 43.66 14.77 25.02
N GLN A 125 42.86 14.49 26.07
CA GLN A 125 43.46 14.35 27.40
C GLN A 125 44.30 13.08 27.56
N ALA A 126 44.20 12.13 26.63
CA ALA A 126 45.17 11.05 26.59
C ALA A 126 46.60 11.59 26.48
N HIS A 127 46.76 12.80 25.94
CA HIS A 127 48.07 13.45 25.83
C HIS A 127 48.20 14.69 26.71
N MET A 128 47.31 14.84 27.70
CA MET A 128 47.30 16.01 28.60
C MET A 128 47.04 17.30 27.81
N LEU A 129 46.30 17.19 26.72
CA LEU A 129 46.00 18.31 25.85
C LEU A 129 44.50 18.60 25.88
N ALA A 130 44.13 19.80 25.46
CA ALA A 130 42.73 20.22 25.43
C ALA A 130 42.58 21.46 24.55
N THR A 131 41.33 21.72 24.17
CA THR A 131 40.99 23.01 23.56
C THR A 131 39.64 23.43 24.15
N PRO A 132 39.38 24.75 24.23
CA PRO A 132 38.18 25.23 24.95
C PRO A 132 36.90 24.74 24.30
N ALA A 133 35.93 24.37 25.14
CA ALA A 133 34.59 24.00 24.69
C ALA A 133 33.61 24.08 25.86
N GLY A 134 32.36 23.66 25.62
CA GLY A 134 31.33 23.73 26.63
C GLY A 134 31.54 22.81 27.82
N VAL A 135 30.65 22.95 28.81
CA VAL A 135 30.83 22.27 30.09
C VAL A 135 30.07 20.95 30.21
N VAL A 136 29.22 20.59 29.25
CA VAL A 136 28.45 19.36 29.34
C VAL A 136 28.95 18.39 28.26
N SER A 137 29.43 17.23 28.70
N SER A 137 29.40 17.21 28.71
CA SER A 137 30.25 16.39 27.83
CA SER A 137 30.21 16.32 27.89
C SER A 137 29.48 15.76 26.67
C SER A 137 29.45 15.80 26.67
N HIS A 138 28.14 15.67 26.76
CA HIS A 138 27.39 15.06 25.66
C HIS A 138 26.83 16.08 24.67
N THR A 139 27.23 17.36 24.79
CA THR A 139 27.01 18.33 23.73
C THR A 139 27.76 17.91 22.48
N GLY A 140 27.16 18.15 21.32
CA GLY A 140 27.85 17.92 20.07
C GLY A 140 28.87 19.00 19.78
N LEU A 141 30.00 18.59 19.22
CA LEU A 141 31.01 19.56 18.78
C LEU A 141 30.51 20.42 17.62
N GLY A 142 29.68 19.87 16.74
CA GLY A 142 29.20 20.57 15.57
C GLY A 142 28.49 21.92 15.80
N GLY A 143 27.33 21.90 16.46
CA GLY A 143 26.60 23.15 16.65
C GLY A 143 27.31 24.09 17.61
N MET A 144 28.00 23.53 18.58
CA MET A 144 28.66 24.33 19.60
C MET A 144 29.77 25.15 18.98
N VAL A 145 30.66 24.50 18.22
CA VAL A 145 31.79 25.23 17.64
C VAL A 145 31.30 26.28 16.65
N LEU A 146 30.37 25.90 15.77
CA LEU A 146 29.92 26.84 14.74
C LEU A 146 29.26 28.07 15.34
N GLY A 147 28.83 28.00 16.60
CA GLY A 147 28.25 29.18 17.23
C GLY A 147 29.23 29.99 18.06
N GLY A 148 30.40 29.44 18.35
CA GLY A 148 31.39 30.10 19.20
C GLY A 148 32.04 29.11 20.15
N GLY A 149 31.26 28.60 21.10
CA GLY A 149 31.74 27.57 22.00
C GLY A 149 32.52 28.17 23.14
N PHE A 150 31.98 28.19 24.37
CA PHE A 150 32.79 28.68 25.48
C PHE A 150 32.60 27.79 26.70
N GLY A 151 33.60 27.83 27.58
CA GLY A 151 33.57 27.04 28.79
C GLY A 151 34.75 27.29 29.71
N TRP A 152 35.16 26.26 30.46
CA TRP A 152 36.11 26.46 31.56
C TRP A 152 37.43 27.06 31.07
N LEU A 153 37.90 26.63 29.89
CA LEU A 153 39.18 27.07 29.33
C LEU A 153 39.10 28.39 28.57
N SER A 154 37.93 29.01 28.44
CA SER A 154 37.81 30.10 27.46
C SER A 154 38.48 31.39 27.94
N ARG A 155 38.41 31.71 29.24
CA ARG A 155 39.04 32.96 29.71
C ARG A 155 40.54 32.93 29.48
N LYS A 156 41.14 31.74 29.53
CA LYS A 156 42.57 31.56 29.29
C LYS A 156 42.91 31.40 27.81
N TYR A 157 42.17 30.56 27.08
CA TYR A 157 42.51 30.20 25.71
C TYR A 157 41.45 30.60 24.68
N GLY A 158 40.38 31.29 25.07
CA GLY A 158 39.45 31.80 24.08
C GLY A 158 38.31 30.84 23.78
N LEU A 159 37.53 31.21 22.76
CA LEU A 159 36.44 30.36 22.30
C LEU A 159 36.96 29.16 21.53
N SER A 160 36.09 28.15 21.36
CA SER A 160 36.41 27.04 20.47
C SER A 160 36.82 27.56 19.09
N ILE A 161 36.08 28.53 18.55
CA ILE A 161 36.41 29.06 17.22
C ILE A 161 37.74 29.80 17.20
N ASP A 162 38.23 30.27 18.35
CA ASP A 162 39.53 30.94 18.44
C ASP A 162 40.70 29.95 18.39
N ASN A 163 40.41 28.66 18.37
CA ASN A 163 41.42 27.63 18.29
C ASN A 163 41.21 26.75 17.07
N LEU A 164 40.20 27.07 16.26
CA LEU A 164 39.90 26.38 15.03
C LEU A 164 40.88 26.80 13.95
N THR A 165 41.52 25.83 13.26
CA THR A 165 42.47 26.17 12.21
C THR A 165 41.95 25.91 10.81
N SER A 166 40.96 25.02 10.65
CA SER A 166 40.35 24.78 9.35
C SER A 166 39.11 23.92 9.53
N VAL A 167 38.26 23.92 8.52
CA VAL A 167 37.17 22.95 8.43
C VAL A 167 37.14 22.35 7.04
N GLU A 168 36.66 21.12 6.98
CA GLU A 168 36.15 20.51 5.75
C GLU A 168 34.64 20.67 5.77
N ILE A 169 34.07 21.18 4.69
CA ILE A 169 32.67 21.56 4.69
C ILE A 169 32.03 21.18 3.37
N VAL A 170 30.82 20.65 3.43
CA VAL A 170 30.03 20.31 2.25
C VAL A 170 29.04 21.45 2.02
N THR A 171 29.13 22.11 0.87
CA THR A 171 28.27 23.26 0.60
C THR A 171 26.99 22.81 -0.10
N ALA A 172 26.07 23.77 -0.27
CA ALA A 172 24.74 23.45 -0.76
C ALA A 172 24.75 22.92 -2.20
N ASP A 173 25.80 23.17 -2.96
CA ASP A 173 25.89 22.65 -4.33
C ASP A 173 26.50 21.25 -4.40
N GLY A 174 26.83 20.64 -3.27
CA GLY A 174 27.41 19.31 -3.24
C GLY A 174 28.93 19.28 -3.24
N GLY A 175 29.59 20.42 -3.32
CA GLY A 175 31.02 20.41 -3.31
C GLY A 175 31.57 20.26 -1.90
N VAL A 176 32.83 19.84 -1.84
CA VAL A 176 33.57 19.77 -0.60
C VAL A 176 34.65 20.82 -0.66
N LEU A 177 34.70 21.68 0.35
CA LEU A 177 35.68 22.76 0.42
C LEU A 177 36.51 22.64 1.68
N THR A 178 37.74 23.13 1.61
CA THR A 178 38.48 23.50 2.80
C THR A 178 38.26 24.98 3.05
N ALA A 179 38.11 25.35 4.32
CA ALA A 179 38.07 26.75 4.73
C ALA A 179 39.07 26.93 5.87
N SER A 180 39.96 27.91 5.71
CA SER A 180 41.04 28.20 6.65
C SER A 180 41.42 29.67 6.47
N ASP A 181 42.50 30.09 7.12
CA ASP A 181 43.00 31.46 6.93
C ASP A 181 43.62 31.67 5.55
N THR A 182 43.99 30.59 4.85
CA THR A 182 44.66 30.70 3.56
C THR A 182 43.83 30.16 2.43
N GLU A 183 42.66 29.61 2.71
CA GLU A 183 41.83 29.00 1.68
C GLU A 183 40.38 29.28 2.00
N ASN A 184 39.70 29.93 1.07
CA ASN A 184 38.32 30.41 1.24
C ASN A 184 38.14 31.17 2.55
N PRO A 185 38.93 32.23 2.80
CA PRO A 185 38.90 32.84 4.14
C PRO A 185 37.61 33.58 4.46
N ASP A 186 36.78 33.92 3.45
CA ASP A 186 35.47 34.47 3.75
C ASP A 186 34.55 33.43 4.37
N LEU A 187 34.61 32.19 3.85
CA LEU A 187 33.88 31.09 4.46
C LEU A 187 34.44 30.78 5.85
N PHE A 188 35.78 30.84 6.00
CA PHE A 188 36.38 30.53 7.29
C PHE A 188 35.97 31.54 8.35
N TRP A 189 35.76 32.79 7.95
CA TRP A 189 35.24 33.80 8.83
C TRP A 189 33.79 33.50 9.23
N ALA A 190 32.97 33.07 8.28
CA ALA A 190 31.55 32.92 8.54
C ALA A 190 31.25 31.69 9.39
N VAL A 191 32.00 30.60 9.20
CA VAL A 191 31.69 29.42 9.99
C VAL A 191 32.12 29.63 11.42
N ARG A 192 33.00 30.60 11.68
CA ARG A 192 33.42 30.92 13.05
C ARG A 192 32.42 31.89 13.68
N GLY A 193 31.24 31.36 14.00
CA GLY A 193 30.19 32.13 14.64
C GLY A 193 28.90 32.17 13.88
N GLY A 194 28.89 31.81 12.59
CA GLY A 194 27.71 31.87 11.76
C GLY A 194 26.86 30.61 11.69
N GLY A 195 27.06 29.64 12.59
CA GLY A 195 26.15 28.49 12.67
C GLY A 195 26.22 27.56 11.46
N GLY A 196 25.13 26.80 11.26
CA GLY A 196 25.13 25.86 10.16
C GLY A 196 24.69 26.49 8.84
N ASN A 197 24.80 27.82 8.75
CA ASN A 197 24.20 28.54 7.62
C ASN A 197 24.87 28.25 6.28
N PHE A 198 26.14 27.87 6.29
CA PHE A 198 26.94 27.86 5.07
C PHE A 198 27.31 26.47 4.57
N GLY A 199 26.81 25.41 5.21
CA GLY A 199 27.12 24.07 4.78
C GLY A 199 27.30 23.14 5.96
N VAL A 200 27.53 21.86 5.68
CA VAL A 200 27.69 20.83 6.71
C VAL A 200 29.17 20.64 6.94
N VAL A 201 29.63 20.91 8.14
CA VAL A 201 31.05 20.74 8.46
C VAL A 201 31.25 19.28 8.83
N THR A 202 32.08 18.59 8.06
CA THR A 202 32.35 17.18 8.25
C THR A 202 33.61 16.94 9.06
N ALA A 203 34.47 17.94 9.22
CA ALA A 203 35.64 17.82 10.07
C ALA A 203 36.11 19.19 10.53
N PHE A 204 36.52 19.25 11.79
CA PHE A 204 37.09 20.43 12.45
C PHE A 204 38.55 20.15 12.80
N GLU A 205 39.43 21.12 12.57
CA GLU A 205 40.82 21.01 13.02
C GLU A 205 41.09 22.03 14.10
N PHE A 206 41.66 21.59 15.23
CA PHE A 206 41.90 22.49 16.36
C PHE A 206 43.36 22.50 16.80
N ASP A 207 43.83 23.68 17.20
CA ASP A 207 45.03 23.80 18.02
C ASP A 207 44.71 23.35 19.45
N LEU A 208 45.67 22.67 20.09
CA LEU A 208 45.50 22.18 21.45
C LEU A 208 46.51 22.82 22.40
N HIS A 209 46.19 22.74 23.68
CA HIS A 209 47.02 23.29 24.75
C HIS A 209 47.23 22.25 25.84
N ARG A 210 48.37 22.33 26.53
CA ARG A 210 48.66 21.41 27.62
C ARG A 210 47.90 21.87 28.86
N VAL A 211 47.00 21.02 29.37
CA VAL A 211 46.20 21.36 30.53
C VAL A 211 46.33 20.21 31.51
N GLY A 212 47.09 20.44 32.58
CA GLY A 212 47.26 19.48 33.63
C GLY A 212 46.21 19.67 34.70
N PRO A 213 46.43 19.09 35.87
CA PRO A 213 45.37 19.13 36.90
C PRO A 213 45.02 20.55 37.27
N VAL A 214 43.73 20.76 37.52
CA VAL A 214 43.19 22.06 37.83
C VAL A 214 42.56 22.00 39.22
N ARG A 215 42.87 22.99 40.04
CA ARG A 215 42.18 23.16 41.31
C ARG A 215 40.77 23.68 41.02
N PHE A 216 39.77 23.05 41.65
CA PHE A 216 38.33 23.29 41.42
C PHE A 216 37.62 23.35 42.77
N ALA A 217 36.62 24.23 42.87
CA ALA A 217 35.77 24.30 44.05
C ALA A 217 34.33 24.53 43.66
N SER A 218 33.42 23.86 44.36
CA SER A 218 31.99 24.11 44.25
C SER A 218 31.40 24.24 45.65
N THR A 219 30.49 25.18 45.80
CA THR A 219 29.87 25.39 47.09
C THR A 219 28.52 26.07 46.88
N TYR A 220 27.75 26.19 47.96
CA TYR A 220 26.40 26.72 47.89
C TYR A 220 26.22 27.81 48.96
N TYR A 221 25.64 28.94 48.55
CA TYR A 221 25.30 30.05 49.43
C TYR A 221 23.78 30.22 49.52
N SER A 222 23.29 30.57 50.71
CA SER A 222 21.88 30.88 50.87
C SER A 222 21.51 32.13 50.07
N LEU A 223 20.30 32.17 49.59
CA LEU A 223 19.86 33.32 48.85
C LEU A 223 19.85 34.53 49.79
N ASP A 224 19.91 34.29 51.09
CA ASP A 224 19.97 35.37 52.08
C ASP A 224 21.20 36.25 51.88
N GLU A 225 22.33 35.67 51.50
CA GLU A 225 23.51 36.44 51.26
C GLU A 225 23.71 36.67 49.80
N GLY A 226 22.66 36.53 49.02
CA GLY A 226 22.70 36.73 47.58
C GLY A 226 23.35 37.98 47.07
N PRO A 227 22.97 39.14 47.57
CA PRO A 227 23.52 40.41 47.11
C PRO A 227 24.99 40.54 47.33
N GLN A 228 25.43 40.06 48.47
CA GLN A 228 26.80 40.08 48.86
C GLN A 228 27.67 39.20 47.93
N VAL A 229 27.20 38.02 47.60
CA VAL A 229 27.90 37.02 46.81
C VAL A 229 27.97 37.48 45.38
N ILE A 230 26.81 37.87 44.83
CA ILE A 230 26.81 38.29 43.44
C ILE A 230 27.60 39.57 43.27
N ARG A 231 27.50 40.50 44.23
CA ARG A 231 28.27 41.74 44.07
C ARG A 231 29.76 41.47 44.20
N ALA A 232 30.15 40.60 45.14
CA ALA A 232 31.57 40.22 45.20
C ALA A 232 32.01 39.57 43.90
N TRP A 233 31.18 38.69 43.34
CA TRP A 233 31.49 38.00 42.08
C TRP A 233 31.68 38.98 40.94
N ARG A 234 30.72 39.90 40.74
CA ARG A 234 30.85 40.84 39.64
C ARG A 234 32.04 41.76 39.85
N ASP A 235 32.30 42.13 41.11
CA ASP A 235 33.43 43.01 41.39
C ASP A 235 34.74 42.26 41.23
N HIS A 236 34.81 41.01 41.69
CA HIS A 236 36.08 40.30 41.58
C HIS A 236 36.44 40.02 40.13
N MET A 237 35.46 39.60 39.30
CA MET A 237 35.79 39.20 37.92
C MET A 237 36.17 40.38 37.04
N ALA A 238 35.77 41.59 37.41
CA ALA A 238 36.14 42.77 36.61
C ALA A 238 37.65 42.89 36.46
N THR A 239 38.41 42.47 37.46
CA THR A 239 39.85 42.58 37.44
C THR A 239 40.56 41.25 37.67
N ALA A 240 39.85 40.13 37.56
CA ALA A 240 40.45 38.83 37.85
C ALA A 240 41.44 38.40 36.78
N PRO A 241 42.46 37.62 37.14
CA PRO A 241 43.33 37.02 36.12
C PRO A 241 42.55 36.09 35.21
N ASP A 242 43.08 35.91 33.99
CA ASP A 242 42.54 34.95 33.02
C ASP A 242 42.43 33.56 33.63
N GLU A 243 43.39 33.19 34.47
CA GLU A 243 43.47 31.83 35.00
C GLU A 243 42.27 31.46 35.87
N LEU A 244 41.54 32.44 36.38
CA LEU A 244 40.38 32.19 37.23
C LEU A 244 39.10 32.24 36.40
N THR A 245 38.29 31.19 36.52
CA THR A 245 36.91 31.18 36.04
C THR A 245 35.99 30.86 37.22
N TRP A 246 34.85 31.56 37.28
CA TRP A 246 33.96 31.52 38.43
C TRP A 246 32.54 31.79 37.94
N ALA A 247 31.62 30.85 38.18
CA ALA A 247 30.27 30.91 37.64
C ALA A 247 29.23 30.61 38.71
N LEU A 248 28.08 31.28 38.60
CA LEU A 248 27.03 31.16 39.61
C LEU A 248 25.80 30.54 38.98
N TYR A 249 25.22 29.57 39.68
CA TYR A 249 24.02 28.89 39.20
C TYR A 249 22.99 28.95 40.32
N LEU A 250 21.95 29.74 40.11
CA LEU A 250 20.87 29.89 41.07
C LEU A 250 19.83 28.81 40.79
N ARG A 251 19.49 28.03 41.83
CA ARG A 251 18.76 26.79 41.60
C ARG A 251 18.25 26.27 42.94
N LEU A 252 17.34 25.31 42.88
CA LEU A 252 16.98 24.59 44.09
C LEU A 252 18.16 23.73 44.55
N ALA A 253 18.39 23.70 45.85
CA ALA A 253 19.53 22.96 46.36
C ALA A 253 19.30 21.47 46.18
N PRO A 254 20.23 20.74 45.55
CA PRO A 254 19.98 19.33 45.28
C PRO A 254 20.00 18.53 46.56
N PRO A 255 19.34 17.47 46.60
CA PRO A 255 19.34 16.65 47.83
C PRO A 255 20.63 15.85 47.97
N LEU A 256 21.75 16.56 48.11
CA LEU A 256 23.05 15.89 48.11
C LEU A 256 23.65 15.89 49.52
N PRO A 257 24.47 14.90 49.86
CA PRO A 257 24.84 14.72 51.27
C PRO A 257 25.72 15.84 51.82
N GLU A 258 26.52 16.51 50.98
CA GLU A 258 27.34 17.61 51.47
C GLU A 258 26.52 18.80 51.95
N LEU A 259 25.23 18.83 51.72
CA LEU A 259 24.45 19.96 52.18
C LEU A 259 23.53 19.66 53.33
N PRO A 260 23.34 20.65 54.21
CA PRO A 260 22.46 20.44 55.34
C PRO A 260 21.07 20.13 54.85
N ALA A 261 20.38 19.25 55.55
CA ALA A 261 19.03 18.87 55.17
C ALA A 261 18.00 19.99 55.06
N ASP A 262 18.18 21.06 55.83
CA ASP A 262 17.37 22.22 55.71
C ASP A 262 17.32 22.67 54.30
N MET A 263 18.47 23.05 53.73
CA MET A 263 18.44 23.75 52.46
C MET A 263 17.92 23.03 51.26
N HIS A 264 17.81 21.71 51.38
CA HIS A 264 17.35 20.85 50.34
C HIS A 264 16.03 21.35 49.81
N GLY A 265 15.94 21.53 48.50
CA GLY A 265 14.73 21.99 47.90
C GLY A 265 14.51 23.47 47.97
N LYS A 266 15.45 24.22 48.49
CA LYS A 266 15.30 25.63 48.56
C LYS A 266 16.22 26.38 47.63
N PRO A 267 15.76 27.48 47.04
CA PRO A 267 16.62 28.31 46.18
C PRO A 267 17.92 28.66 46.87
N VAL A 268 19.03 28.44 46.15
CA VAL A 268 20.38 28.71 46.62
C VAL A 268 21.22 29.21 45.44
N ILE A 269 22.42 29.68 45.75
CA ILE A 269 23.42 30.00 44.72
C ILE A 269 24.50 28.92 44.76
N CYS A 270 24.58 28.11 43.72
CA CYS A 270 25.69 27.18 43.55
C CYS A 270 26.84 27.89 42.86
N ALA A 271 27.99 27.96 43.51
CA ALA A 271 29.14 28.67 42.94
C ALA A 271 30.23 27.65 42.60
N MET A 272 30.69 27.69 41.36
CA MET A 272 31.72 26.77 40.86
C MET A 272 32.88 27.58 40.30
N SER A 273 34.09 27.19 40.66
CA SER A 273 35.27 27.96 40.26
C SER A 273 36.43 27.02 40.01
N CYS A 274 37.35 27.45 39.16
CA CYS A 274 38.58 26.72 38.90
C CYS A 274 39.68 27.71 38.52
N TRP A 275 40.92 27.22 38.64
CA TRP A 275 42.12 27.98 38.30
C TRP A 275 42.88 27.20 37.24
N ILE A 276 43.00 27.79 36.05
CA ILE A 276 43.66 27.14 34.92
C ILE A 276 45.13 27.51 35.05
N GLY A 277 45.90 26.67 35.73
CA GLY A 277 47.25 27.06 36.10
C GLY A 277 47.75 26.23 37.27
N ASP A 278 48.80 26.74 37.90
CA ASP A 278 49.43 26.00 39.00
C ASP A 278 48.43 25.73 40.14
N PRO A 279 48.19 24.47 40.50
CA PRO A 279 47.20 24.16 41.56
C PRO A 279 47.50 24.81 42.92
N HIS A 280 48.78 24.98 43.29
CA HIS A 280 49.04 25.67 44.55
C HIS A 280 48.65 27.14 44.47
N GLU A 281 48.90 27.79 43.34
CA GLU A 281 48.35 29.13 43.15
C GLU A 281 46.83 29.10 43.10
N GLY A 282 46.28 28.08 42.44
CA GLY A 282 44.84 27.92 42.41
C GLY A 282 44.22 27.82 43.78
N GLU A 283 44.84 27.03 44.68
CA GLU A 283 44.30 26.90 46.03
C GLU A 283 44.26 28.25 46.72
N ARG A 284 45.28 29.06 46.49
CA ARG A 284 45.29 30.39 47.10
C ARG A 284 44.17 31.27 46.56
N GLN A 285 44.02 31.32 45.26
CA GLN A 285 42.97 32.13 44.67
C GLN A 285 41.54 31.67 45.00
N LEU A 286 41.24 30.38 44.92
CA LEU A 286 39.90 29.90 45.22
C LEU A 286 39.50 30.18 46.67
N GLU A 287 40.39 29.92 47.62
CA GLU A 287 40.10 30.30 49.00
C GLU A 287 39.78 31.79 49.15
N SER A 288 40.39 32.65 48.32
CA SER A 288 40.15 34.09 48.42
C SER A 288 38.77 34.52 47.94
N ILE A 289 38.06 33.68 47.17
CA ILE A 289 36.75 34.01 46.63
C ILE A 289 35.64 33.12 47.16
N LEU A 290 35.95 32.17 48.05
CA LEU A 290 34.92 31.22 48.46
C LEU A 290 34.10 31.71 49.64
N HIS A 291 34.49 32.81 50.27
CA HIS A 291 33.88 33.24 51.53
C HIS A 291 33.14 34.57 51.38
N ALA A 292 32.62 34.86 50.18
CA ALA A 292 31.71 36.00 50.07
C ALA A 292 30.38 35.74 50.74
N GLY A 293 29.99 34.47 50.87
CA GLY A 293 29.01 34.06 51.84
C GLY A 293 29.52 32.84 52.59
N LYS A 294 28.70 32.35 53.51
CA LYS A 294 29.08 31.13 54.21
C LYS A 294 28.90 29.97 53.25
N PRO A 295 29.97 29.27 52.86
CA PRO A 295 29.84 28.21 51.87
C PRO A 295 29.29 26.95 52.53
N HIS A 296 28.23 26.41 51.96
CA HIS A 296 27.66 25.15 52.38
C HIS A 296 28.07 24.10 51.36
N GLY A 297 28.16 22.85 51.79
CA GLY A 297 28.47 21.77 50.85
C GLY A 297 29.70 22.02 50.00
N LEU A 298 30.74 22.57 50.62
CA LEU A 298 31.96 22.89 49.87
C LEU A 298 32.65 21.61 49.42
N THR A 299 32.92 21.50 48.12
CA THR A 299 33.72 20.44 47.54
C THR A 299 34.94 21.10 46.88
N LYS A 300 36.15 20.68 47.29
CA LYS A 300 37.36 21.15 46.61
C LYS A 300 38.25 19.98 46.23
N ALA A 301 38.90 20.11 45.06
CA ALA A 301 39.65 19.00 44.50
C ALA A 301 40.67 19.52 43.49
N THR A 302 41.70 18.72 43.27
CA THR A 302 42.59 18.86 42.12
C THR A 302 42.21 17.78 41.10
N LEU A 303 41.70 18.21 39.93
CA LEU A 303 41.08 17.33 38.95
C LEU A 303 41.85 17.34 37.64
N PRO A 304 41.99 16.20 36.96
CA PRO A 304 42.32 16.25 35.53
C PRO A 304 41.25 17.06 34.82
N TYR A 305 41.68 17.81 33.80
CA TYR A 305 40.72 18.62 33.06
C TYR A 305 39.55 17.77 32.53
N ARG A 306 39.82 16.54 32.04
CA ARG A 306 38.70 15.73 31.58
C ARG A 306 37.68 15.46 32.70
N ALA A 307 38.12 15.43 33.96
CA ALA A 307 37.18 15.22 35.05
C ALA A 307 36.42 16.50 35.39
N LEU A 308 37.07 17.67 35.28
CA LEU A 308 36.32 18.92 35.35
C LEU A 308 35.22 18.94 34.28
N GLN A 309 35.58 18.55 33.04
CA GLN A 309 34.64 18.56 31.92
C GLN A 309 33.45 17.66 32.19
N ALA A 310 33.70 16.53 32.84
CA ALA A 310 32.67 15.54 33.09
C ALA A 310 31.81 15.87 34.30
N TYR A 311 32.17 16.88 35.08
CA TYR A 311 31.53 17.13 36.37
C TYR A 311 30.15 17.75 36.26
N SER A 312 29.96 18.67 35.32
CA SER A 312 28.70 19.43 35.25
C SER A 312 27.58 18.54 34.71
N PHE A 313 26.42 18.57 35.38
CA PHE A 313 26.18 19.40 36.57
C PHE A 313 25.85 18.55 37.80
N PRO A 319 16.83 16.23 32.38
CA PRO A 319 15.47 16.73 32.17
C PRO A 319 14.93 16.40 30.78
N ASP A 320 13.61 16.21 30.67
CA ASP A 320 13.01 15.91 29.37
C ASP A 320 12.61 17.16 28.61
N ARG A 321 12.15 18.22 29.29
CA ARG A 321 11.59 19.39 28.61
C ARG A 321 12.31 20.65 29.08
N ILE A 322 12.72 21.50 28.13
CA ILE A 322 13.60 22.63 28.38
C ILE A 322 13.00 23.87 27.73
N TYR A 323 13.33 25.03 28.29
CA TYR A 323 13.10 26.31 27.61
C TYR A 323 14.10 27.29 28.18
N THR A 324 14.84 27.97 27.31
CA THR A 324 15.88 28.91 27.72
C THR A 324 15.63 30.28 27.10
N LYS A 325 15.93 31.32 27.88
CA LYS A 325 16.07 32.71 27.42
C LYS A 325 17.41 33.20 27.94
N SER A 326 18.23 33.78 27.06
CA SER A 326 19.59 34.16 27.43
C SER A 326 20.00 35.46 26.75
N GLY A 327 21.01 36.12 27.34
CA GLY A 327 21.59 37.31 26.72
C GLY A 327 22.87 37.72 27.42
N TYR A 328 23.56 38.68 26.80
CA TYR A 328 24.78 39.29 27.32
C TYR A 328 24.49 40.59 28.06
N LEU A 329 25.36 40.93 29.01
CA LEU A 329 25.37 42.25 29.65
C LEU A 329 26.74 42.88 29.56
N ASN A 330 26.76 44.22 29.54
CA ASN A 330 28.02 44.94 29.64
C ASN A 330 28.43 45.19 31.07
N GLU A 331 27.45 45.27 31.99
CA GLU A 331 27.72 45.41 33.41
C GLU A 331 26.51 44.82 34.12
N LEU A 332 26.73 44.42 35.38
CA LEU A 332 25.67 43.88 36.23
C LEU A 332 25.49 44.86 37.38
N SER A 333 24.46 45.70 37.26
CA SER A 333 24.13 46.72 38.26
C SER A 333 23.48 46.09 39.48
N ASP A 334 23.44 46.87 40.57
CA ASP A 334 22.72 46.44 41.77
C ASP A 334 21.26 46.18 41.45
N GLU A 335 20.68 46.99 40.55
CA GLU A 335 19.27 46.84 40.21
C GLU A 335 19.01 45.49 39.53
N ALA A 336 19.86 45.13 38.56
CA ALA A 336 19.74 43.83 37.91
C ALA A 336 20.01 42.66 38.86
N THR A 337 20.95 42.84 39.80
CA THR A 337 21.23 41.77 40.76
C THR A 337 20.03 41.45 41.64
N ASP A 338 19.33 42.48 42.12
CA ASP A 338 18.12 42.20 42.89
C ASP A 338 17.06 41.56 42.01
N THR A 339 16.99 41.94 40.73
CA THR A 339 16.08 41.27 39.80
C THR A 339 16.40 39.78 39.72
N VAL A 340 17.67 39.44 39.55
CA VAL A 340 18.07 38.03 39.43
C VAL A 340 17.69 37.26 40.68
N LEU A 341 17.91 37.87 41.85
CA LEU A 341 17.63 37.20 43.11
C LEU A 341 16.13 37.00 43.33
N GLU A 342 15.33 37.97 42.89
CA GLU A 342 13.87 37.88 43.05
C GLU A 342 13.29 36.77 42.19
N HIS A 343 13.70 36.68 40.92
CA HIS A 343 13.19 35.63 40.06
C HIS A 343 13.73 34.25 40.45
N ALA A 344 14.99 34.19 40.90
CA ALA A 344 15.52 32.90 41.38
C ALA A 344 14.71 32.38 42.57
N ALA A 345 14.21 33.28 43.43
CA ALA A 345 13.38 32.84 44.55
C ALA A 345 12.08 32.19 44.11
N ASP A 346 11.72 32.37 42.86
CA ASP A 346 10.51 31.81 42.36
C ASP A 346 10.77 30.49 41.69
N ILE A 347 11.95 29.94 41.85
CA ILE A 347 12.21 28.67 41.22
C ILE A 347 11.40 27.58 41.91
N ALA A 348 10.75 26.75 41.14
CA ALA A 348 9.95 25.67 41.66
C ALA A 348 10.45 24.34 41.21
N SER A 349 10.99 24.30 40.01
CA SER A 349 11.51 23.07 39.47
C SER A 349 12.85 22.73 40.02
N PRO A 350 13.10 21.45 40.18
CA PRO A 350 14.45 21.16 40.72
C PRO A 350 15.52 21.05 39.66
N PHE A 351 15.16 21.11 38.38
CA PHE A 351 16.09 21.07 37.27
C PHE A 351 16.39 22.43 36.69
N THR A 352 15.66 23.46 37.11
CA THR A 352 15.82 24.79 36.54
C THR A 352 17.00 25.52 37.19
N GLN A 353 17.73 26.27 36.37
CA GLN A 353 18.86 27.06 36.84
C GLN A 353 18.77 28.43 36.21
N LEU A 354 19.14 29.44 36.98
CA LEU A 354 19.43 30.76 36.43
C LEU A 354 20.94 30.91 36.50
N GLU A 355 21.59 30.93 35.33
CA GLU A 355 23.04 30.90 35.23
C GLU A 355 23.60 32.31 35.11
N LEU A 356 24.65 32.61 35.89
CA LEU A 356 25.40 33.84 35.78
C LEU A 356 26.86 33.51 35.45
N LEU A 357 27.26 33.84 34.22
CA LEU A 357 28.58 33.50 33.72
C LEU A 357 29.38 34.77 33.40
N TYR A 358 30.70 34.68 33.54
CA TYR A 358 31.60 35.78 33.20
C TYR A 358 32.62 35.27 32.20
N LEU A 359 32.58 35.82 30.98
CA LEU A 359 33.52 35.48 29.91
C LEU A 359 34.70 36.45 29.97
N GLY A 360 34.82 37.36 28.99
CA GLY A 360 35.95 38.30 29.04
C GLY A 360 37.28 37.60 28.78
N GLY A 361 38.31 38.02 29.51
CA GLY A 361 39.64 37.43 29.37
C GLY A 361 40.09 37.39 27.92
N ALA A 362 40.67 36.25 27.51
CA ALA A 362 41.14 36.07 26.14
C ALA A 362 40.03 36.23 25.10
N VAL A 363 38.79 35.85 25.43
CA VAL A 363 37.68 36.00 24.49
C VAL A 363 37.58 37.45 24.05
N ALA A 364 37.73 38.38 25.00
CA ALA A 364 37.58 39.82 24.73
C ALA A 364 38.79 40.45 24.06
N ARG A 365 39.91 39.75 23.98
CA ARG A 365 41.11 40.33 23.39
C ARG A 365 41.18 40.08 21.89
N VAL A 366 40.28 39.29 21.34
CA VAL A 366 40.22 39.08 19.89
C VAL A 366 39.44 40.23 19.27
N PRO A 367 39.98 40.88 18.22
CA PRO A 367 39.25 41.98 17.58
C PRO A 367 37.87 41.53 17.11
N ASP A 368 36.90 42.44 17.24
CA ASP A 368 35.50 42.11 17.01
C ASP A 368 35.23 41.65 15.59
N ASP A 369 35.88 42.25 14.59
CA ASP A 369 35.65 41.86 13.20
C ASP A 369 36.40 40.58 12.81
N ALA A 370 37.20 40.01 13.71
CA ALA A 370 38.07 38.90 13.32
C ALA A 370 37.29 37.62 13.05
N THR A 371 36.11 37.46 13.66
CA THR A 371 35.24 36.31 13.40
C THR A 371 33.79 36.80 13.36
N ALA A 372 32.88 35.90 13.00
CA ALA A 372 31.46 36.21 12.99
C ALA A 372 30.82 36.08 14.35
N TYR A 373 31.60 35.78 15.39
CA TYR A 373 31.04 35.72 16.74
C TYR A 373 30.83 37.13 17.26
N PRO A 374 29.61 37.50 17.63
CA PRO A 374 29.38 38.86 18.10
C PRO A 374 29.50 38.94 19.62
N ASN A 375 29.62 40.16 20.11
CA ASN A 375 29.50 40.50 21.54
C ASN A 375 30.69 39.99 22.35
N ARG A 376 31.90 39.96 21.77
CA ARG A 376 33.08 39.62 22.56
C ARG A 376 33.31 40.56 23.72
N GLN A 377 32.93 41.82 23.59
CA GLN A 377 33.17 42.83 24.61
C GLN A 377 32.08 42.89 25.69
N SER A 378 31.10 41.99 25.65
CA SER A 378 30.19 41.86 26.77
C SER A 378 30.60 40.68 27.63
N PRO A 379 31.09 40.90 28.85
CA PRO A 379 31.63 39.78 29.65
C PRO A 379 30.60 38.95 30.38
N PHE A 380 29.43 39.48 30.68
CA PHE A 380 28.47 38.73 31.47
C PHE A 380 27.55 37.96 30.54
N VAL A 381 27.14 36.77 30.99
CA VAL A 381 26.10 36.03 30.31
C VAL A 381 25.10 35.57 31.35
N THR A 382 23.83 35.80 31.11
CA THR A 382 22.77 35.24 31.94
C THR A 382 21.91 34.30 31.11
N ASN A 383 21.55 33.16 31.70
CA ASN A 383 20.78 32.13 31.03
C ASN A 383 19.70 31.64 31.98
N LEU A 384 18.44 31.90 31.65
CA LEU A 384 17.32 31.40 32.43
C LEU A 384 16.95 30.04 31.84
N ALA A 385 17.40 28.98 32.48
CA ALA A 385 17.34 27.64 31.89
C ALA A 385 16.28 26.83 32.64
N ALA A 386 15.03 26.92 32.16
CA ALA A 386 13.94 26.15 32.70
C ALA A 386 13.99 24.70 32.23
N ALA A 387 13.77 23.76 33.14
CA ALA A 387 13.83 22.36 32.81
C ALA A 387 12.83 21.61 33.68
N TRP A 388 12.09 20.69 33.08
CA TRP A 388 11.04 20.01 33.81
C TRP A 388 10.71 18.69 33.10
N MET A 389 9.75 17.96 33.64
CA MET A 389 9.40 16.64 33.14
C MET A 389 7.98 16.58 32.58
N ASP A 390 7.04 17.23 33.26
CA ASP A 390 5.62 17.10 33.03
C ASP A 390 5.18 17.97 31.85
N PRO A 391 4.76 17.38 30.73
CA PRO A 391 4.28 18.20 29.60
C PRO A 391 3.09 19.09 29.96
N THR A 392 2.36 18.77 31.04
CA THR A 392 1.20 19.56 31.43
C THR A 392 1.57 20.83 32.17
N GLU A 393 2.83 21.02 32.54
CA GLU A 393 3.25 22.22 33.24
C GLU A 393 4.00 23.19 32.33
N ASP A 394 3.99 22.98 31.01
CA ASP A 394 4.84 23.74 30.10
C ASP A 394 4.68 25.25 30.30
N ALA A 395 3.45 25.71 30.53
CA ALA A 395 3.20 27.16 30.53
C ALA A 395 3.85 27.85 31.72
N ARG A 396 3.78 27.27 32.91
CA ARG A 396 4.31 27.95 34.10
C ARG A 396 5.83 28.07 34.04
N HIS A 397 6.52 27.04 33.53
CA HIS A 397 7.99 27.04 33.47
C HIS A 397 8.49 27.98 32.38
N THR A 398 7.88 27.91 31.19
CA THR A 398 8.17 28.91 30.16
C THR A 398 7.92 30.32 30.65
N ALA A 399 6.82 30.51 31.39
CA ALA A 399 6.54 31.84 31.91
C ALA A 399 7.61 32.31 32.88
N TRP A 400 8.19 31.40 33.68
CA TRP A 400 9.23 31.84 34.60
C TRP A 400 10.45 32.32 33.84
N ALA A 401 10.85 31.59 32.78
CA ALA A 401 12.02 31.98 32.00
C ALA A 401 11.79 33.27 31.24
N ARG A 402 10.62 33.43 30.64
CA ARG A 402 10.32 34.62 29.85
C ARG A 402 10.13 35.84 30.74
N GLU A 403 9.43 35.67 31.87
CA GLU A 403 9.26 36.81 32.78
C GLU A 403 10.59 37.27 33.34
N GLY A 404 11.48 36.33 33.64
CA GLY A 404 12.80 36.71 34.13
C GLY A 404 13.59 37.50 33.09
N TYR A 405 13.53 37.06 31.84
CA TYR A 405 14.19 37.76 30.74
C TYR A 405 13.66 39.17 30.56
N ARG A 406 12.34 39.33 30.47
CA ARG A 406 11.77 40.65 30.28
C ARG A 406 12.14 41.59 31.42
N ALA A 407 12.22 41.09 32.65
CA ALA A 407 12.59 41.97 33.76
C ALA A 407 14.05 42.41 33.66
N LEU A 408 14.89 41.62 33.01
CA LEU A 408 16.31 41.93 32.89
C LEU A 408 16.64 42.54 31.55
N ALA A 409 15.65 42.80 30.72
CA ALA A 409 15.87 43.00 29.29
C ALA A 409 16.65 44.28 29.01
N GLY A 410 16.35 45.35 29.74
CA GLY A 410 16.98 46.61 29.42
C GLY A 410 18.44 46.67 29.76
N HIS A 411 18.93 45.71 30.55
CA HIS A 411 20.36 45.61 30.84
C HIS A 411 21.06 44.71 29.83
N LEU A 412 20.29 44.10 28.94
CA LEU A 412 20.75 43.00 28.10
C LEU A 412 20.86 43.48 26.66
N SER A 413 21.85 42.95 25.96
CA SER A 413 22.04 43.23 24.56
C SER A 413 22.50 41.95 23.87
N GLY A 414 22.18 41.84 22.59
CA GLY A 414 22.60 40.70 21.83
C GLY A 414 22.02 39.41 22.35
N GLY A 415 22.77 38.33 22.12
CA GLY A 415 22.37 37.00 22.53
C GLY A 415 23.29 35.99 21.89
N TYR A 416 23.58 34.90 22.58
CA TYR A 416 24.38 33.82 22.02
C TYR A 416 23.44 32.95 21.19
N VAL A 417 23.73 32.80 19.89
CA VAL A 417 22.84 32.00 19.05
C VAL A 417 22.63 30.59 19.60
N ASN A 418 23.62 30.04 20.29
CA ASN A 418 23.50 28.67 20.76
C ASN A 418 22.63 28.53 22.02
N PHE A 419 22.10 29.63 22.56
CA PHE A 419 21.16 29.59 23.68
C PHE A 419 19.73 30.00 23.28
N MET A 420 19.46 30.17 21.98
N MET A 420 19.44 30.12 21.99
CA MET A 420 18.15 30.61 21.52
CA MET A 420 18.15 30.63 21.53
C MET A 420 17.15 29.46 21.57
C MET A 420 17.12 29.53 21.41
N ASN A 421 15.91 29.80 21.90
CA ASN A 421 14.83 28.83 22.02
C ASN A 421 14.02 28.76 20.72
N PRO A 422 13.08 27.79 20.58
CA PRO A 422 12.44 27.58 19.27
C PRO A 422 11.61 28.76 18.76
N GLY A 423 11.22 29.70 19.62
CA GLY A 423 10.45 30.88 19.26
C GLY A 423 11.27 32.12 18.99
N GLU A 424 12.59 32.03 18.95
CA GLU A 424 13.47 33.19 18.85
C GLU A 424 14.13 33.26 17.47
N ALA A 425 13.40 32.86 16.43
CA ALA A 425 13.92 33.03 15.06
C ALA A 425 14.23 34.50 14.76
N ASP A 426 13.40 35.42 15.23
CA ASP A 426 13.58 36.85 14.95
C ASP A 426 14.77 37.49 15.67
N ARG A 427 15.39 36.82 16.64
CA ARG A 427 16.46 37.48 17.39
C ARG A 427 17.79 37.50 16.63
N THR A 428 17.84 36.98 15.40
CA THR A 428 19.10 36.82 14.69
C THR A 428 19.79 38.15 14.39
N ARG A 429 19.04 39.12 13.88
CA ARG A 429 19.66 40.41 13.54
C ARG A 429 20.28 41.05 14.78
N GLU A 430 19.51 41.16 15.86
CA GLU A 430 20.02 41.77 17.09
C GLU A 430 21.24 41.02 17.64
N ALA A 431 21.28 39.69 17.48
CA ALA A 431 22.40 38.95 18.06
C ALA A 431 23.71 39.34 17.40
N TYR A 432 23.76 39.29 16.07
CA TYR A 432 25.01 39.56 15.36
C TYR A 432 25.31 41.05 15.28
N GLY A 433 24.28 41.87 15.29
CA GLY A 433 24.41 43.28 14.97
C GLY A 433 24.36 43.48 13.47
N ALA A 434 24.00 44.70 13.05
CA ALA A 434 23.75 44.99 11.64
C ALA A 434 25.00 44.77 10.78
N ALA A 435 26.14 45.35 11.19
CA ALA A 435 27.35 45.24 10.39
C ALA A 435 27.73 43.78 10.13
N LYS A 436 27.79 42.96 11.19
CA LYS A 436 28.14 41.54 11.02
C LYS A 436 27.08 40.83 10.20
N PHE A 437 25.81 40.99 10.55
CA PHE A 437 24.73 40.30 9.86
C PHE A 437 24.79 40.49 8.35
N GLU A 438 25.03 41.72 7.90
CA GLU A 438 25.05 42.01 6.47
C GLU A 438 26.26 41.40 5.78
N ARG A 439 27.44 41.46 6.41
CA ARG A 439 28.58 40.73 5.85
C ARG A 439 28.30 39.24 5.80
N LEU A 440 27.58 38.70 6.80
CA LEU A 440 27.23 37.29 6.76
C LEU A 440 26.28 36.99 5.60
N GLN A 441 25.25 37.82 5.42
CA GLN A 441 24.38 37.68 4.25
C GLN A 441 25.15 37.70 2.94
N GLY A 442 26.27 38.42 2.89
CA GLY A 442 27.05 38.40 1.66
C GLY A 442 27.77 37.08 1.44
N VAL A 443 28.29 36.48 2.52
CA VAL A 443 28.90 35.17 2.39
C VAL A 443 27.85 34.13 2.06
N LYS A 444 26.66 34.26 2.63
CA LYS A 444 25.55 33.34 2.37
C LYS A 444 25.13 33.39 0.90
N ALA A 445 25.06 34.58 0.31
CA ALA A 445 24.68 34.68 -1.10
C ALA A 445 25.66 33.93 -2.00
N LYS A 446 26.93 33.87 -1.61
CA LYS A 446 27.95 33.16 -2.39
C LYS A 446 27.86 31.65 -2.17
N TYR A 447 27.76 31.22 -0.91
CA TYR A 447 27.89 29.79 -0.64
C TYR A 447 26.55 29.07 -0.45
N ASP A 448 25.48 29.74 -0.03
CA ASP A 448 24.16 29.12 0.06
C ASP A 448 23.12 30.07 -0.51
N PRO A 449 23.17 30.33 -1.82
CA PRO A 449 22.24 31.32 -2.39
C PRO A 449 20.77 30.95 -2.29
N THR A 450 20.40 29.67 -2.28
CA THR A 450 18.97 29.38 -2.20
C THR A 450 18.51 29.12 -0.77
N ASN A 451 19.39 29.33 0.22
CA ASN A 451 19.09 29.11 1.64
C ASN A 451 18.65 27.67 1.88
N LEU A 452 19.44 26.72 1.39
CA LEU A 452 19.14 25.31 1.66
C LEU A 452 19.27 25.01 3.15
N PHE A 453 20.18 25.71 3.83
CA PHE A 453 20.49 25.43 5.24
C PHE A 453 19.79 26.49 6.10
N ARG A 454 18.55 26.20 6.48
CA ARG A 454 17.71 27.17 7.16
C ARG A 454 17.25 26.76 8.55
N LEU A 455 17.52 25.53 9.01
CA LEU A 455 17.18 25.15 10.39
C LEU A 455 18.37 25.47 11.28
N ASN A 456 18.43 26.74 11.70
CA ASN A 456 19.53 27.36 12.43
C ASN A 456 19.07 28.77 12.76
N GLN A 457 19.88 29.54 13.48
CA GLN A 457 19.63 30.98 13.61
C GLN A 457 19.93 31.58 12.24
N ASN A 458 18.89 31.76 11.42
CA ASN A 458 19.08 31.78 9.98
C ASN A 458 19.49 33.15 9.45
N ILE A 459 20.43 33.14 8.52
CA ILE A 459 20.90 34.35 7.85
C ILE A 459 20.50 34.25 6.38
N PRO A 460 19.42 34.91 5.97
CA PRO A 460 18.98 34.81 4.57
C PRO A 460 19.98 35.46 3.63
N PRO A 461 20.10 34.96 2.40
CA PRO A 461 21.17 35.44 1.50
C PRO A 461 20.87 36.83 0.96
N SER A 462 21.95 37.57 0.67
CA SER A 462 22.04 38.78 -0.16
C SER A 462 22.30 39.95 0.74
N GLN B 5 -46.22 -40.67 -45.38
CA GLN B 5 -47.06 -40.56 -46.63
C GLN B 5 -46.12 -40.14 -47.86
N LEU B 6 -45.20 -41.06 -48.21
CA LEU B 6 -43.94 -40.77 -48.91
C LEU B 6 -43.80 -41.43 -50.29
N ASP B 7 -42.89 -40.86 -51.10
CA ASP B 7 -42.61 -41.34 -52.45
C ASP B 7 -41.81 -42.64 -52.39
N PRO B 8 -42.29 -43.74 -52.99
CA PRO B 8 -41.62 -45.03 -52.79
C PRO B 8 -40.22 -45.11 -53.36
N ALA B 9 -39.90 -44.39 -54.42
CA ALA B 9 -38.56 -44.45 -54.97
C ALA B 9 -37.60 -43.56 -54.20
N THR B 10 -38.07 -42.39 -53.75
CA THR B 10 -37.27 -41.55 -52.85
C THR B 10 -36.94 -42.30 -51.56
N LEU B 11 -37.93 -42.95 -50.95
CA LEU B 11 -37.65 -43.78 -49.78
C LEU B 11 -36.60 -44.84 -50.11
N ALA B 12 -36.77 -45.55 -51.22
CA ALA B 12 -35.88 -46.67 -51.50
C ALA B 12 -34.47 -46.20 -51.75
N ALA B 13 -34.32 -45.02 -52.36
CA ALA B 13 -32.99 -44.42 -52.52
C ALA B 13 -32.40 -44.02 -51.18
N PHE B 14 -33.21 -43.37 -50.33
CA PHE B 14 -32.79 -43.01 -48.99
C PHE B 14 -32.28 -44.25 -48.26
N SER B 15 -33.17 -45.23 -48.00
CA SER B 15 -32.74 -46.42 -47.27
C SER B 15 -31.55 -47.10 -47.92
N ALA B 16 -31.46 -47.03 -49.26
CA ALA B 16 -30.32 -47.63 -49.93
C ALA B 16 -29.01 -47.00 -49.49
N ALA B 17 -29.02 -45.68 -49.29
CA ALA B 17 -27.84 -44.92 -48.90
C ALA B 17 -27.65 -44.82 -47.40
N PHE B 18 -28.55 -45.37 -46.60
CA PHE B 18 -28.61 -45.15 -45.16
C PHE B 18 -28.24 -46.44 -44.44
N ARG B 19 -27.20 -46.39 -43.61
CA ARG B 19 -26.73 -47.54 -42.82
C ARG B 19 -27.09 -47.42 -41.34
N GLY B 20 -27.87 -46.42 -40.96
CA GLY B 20 -28.36 -46.28 -39.60
C GLY B 20 -29.67 -47.01 -39.38
N GLU B 21 -30.36 -46.62 -38.31
CA GLU B 21 -31.63 -47.21 -37.94
C GLU B 21 -32.77 -46.25 -38.28
N LEU B 22 -33.83 -46.80 -38.85
CA LEU B 22 -35.06 -46.04 -39.08
C LEU B 22 -36.12 -46.51 -38.10
N ILE B 23 -36.76 -45.56 -37.44
CA ILE B 23 -37.81 -45.85 -36.47
C ILE B 23 -39.08 -45.23 -36.99
N TRP B 24 -40.09 -46.07 -37.20
CA TRP B 24 -41.37 -45.67 -37.74
C TRP B 24 -42.41 -45.56 -36.63
N PRO B 25 -43.51 -44.83 -36.86
CA PRO B 25 -44.54 -44.70 -35.82
C PRO B 25 -45.07 -46.03 -35.33
N SER B 26 -44.98 -47.09 -36.14
CA SER B 26 -45.46 -48.41 -35.76
C SER B 26 -44.44 -49.21 -34.94
N ASP B 27 -43.16 -48.84 -34.98
CA ASP B 27 -42.12 -49.62 -34.30
C ASP B 27 -42.22 -49.46 -32.79
N ALA B 28 -41.76 -50.50 -32.08
CA ALA B 28 -41.78 -50.47 -30.63
C ALA B 28 -41.12 -49.19 -30.11
N ASP B 29 -39.84 -49.02 -30.39
CA ASP B 29 -39.10 -47.91 -29.81
C ASP B 29 -39.45 -46.53 -30.37
N TYR B 30 -40.56 -46.41 -31.08
CA TYR B 30 -40.99 -45.10 -31.56
C TYR B 30 -41.29 -44.16 -30.41
N ASP B 31 -42.07 -44.61 -29.43
CA ASP B 31 -42.58 -43.70 -28.40
C ASP B 31 -41.46 -43.16 -27.52
N GLU B 32 -40.43 -43.97 -27.25
CA GLU B 32 -39.31 -43.51 -26.44
C GLU B 32 -38.33 -42.67 -27.25
N ALA B 33 -38.05 -43.07 -28.50
CA ALA B 33 -37.12 -42.31 -29.33
C ALA B 33 -37.59 -40.89 -29.59
N ARG B 34 -38.90 -40.64 -29.54
CA ARG B 34 -39.44 -39.33 -29.83
C ARG B 34 -39.55 -38.43 -28.61
N ARG B 35 -39.28 -38.93 -27.41
CA ARG B 35 -39.31 -38.11 -26.21
C ARG B 35 -38.00 -37.33 -26.09
N ILE B 36 -38.11 -36.09 -25.60
CA ILE B 36 -36.92 -35.28 -25.35
C ILE B 36 -36.91 -34.86 -23.90
N TRP B 37 -35.85 -34.15 -23.48
CA TRP B 37 -35.68 -33.84 -22.07
C TRP B 37 -36.85 -33.01 -21.54
N ASN B 38 -37.31 -32.03 -22.32
CA ASN B 38 -38.51 -31.28 -22.01
C ASN B 38 -39.73 -32.17 -22.30
N GLY B 39 -40.27 -32.80 -21.27
CA GLY B 39 -41.40 -33.69 -21.44
C GLY B 39 -42.74 -33.03 -21.68
N THR B 40 -42.81 -31.70 -21.64
CA THR B 40 -44.04 -31.04 -22.08
C THR B 40 -44.17 -31.09 -23.60
N ILE B 41 -43.10 -31.42 -24.31
CA ILE B 41 -43.13 -31.46 -25.77
C ILE B 41 -43.49 -32.89 -26.14
N ASP B 42 -44.67 -33.06 -26.71
CA ASP B 42 -45.21 -34.37 -27.08
C ASP B 42 -45.52 -34.29 -28.57
N ARG B 43 -44.63 -34.83 -29.39
CA ARG B 43 -44.74 -34.66 -30.83
C ARG B 43 -44.49 -36.00 -31.51
N ARG B 44 -45.13 -36.17 -32.66
CA ARG B 44 -45.11 -37.45 -33.37
C ARG B 44 -44.51 -37.28 -34.74
N PRO B 45 -43.22 -37.57 -34.90
CA PRO B 45 -42.59 -37.48 -36.22
C PRO B 45 -43.09 -38.57 -37.15
N ALA B 46 -43.00 -38.29 -38.46
CA ALA B 46 -43.26 -39.33 -39.45
C ALA B 46 -42.17 -40.40 -39.43
N LEU B 47 -40.93 -40.02 -39.12
CA LEU B 47 -39.81 -40.95 -39.16
C LEU B 47 -38.69 -40.40 -38.30
N ILE B 48 -38.00 -41.30 -37.61
CA ILE B 48 -36.77 -40.97 -36.88
C ILE B 48 -35.64 -41.70 -37.58
N ALA B 49 -34.65 -40.95 -38.05
CA ALA B 49 -33.49 -41.51 -38.73
C ALA B 49 -32.28 -41.38 -37.80
N ARG B 50 -31.89 -42.50 -37.18
CA ARG B 50 -30.75 -42.51 -36.27
C ARG B 50 -29.50 -42.68 -37.11
N CYS B 51 -28.84 -41.56 -37.36
CA CYS B 51 -27.68 -41.54 -38.25
C CYS B 51 -26.47 -42.09 -37.51
N THR B 52 -25.59 -42.76 -38.26
CA THR B 52 -24.38 -43.35 -37.70
C THR B 52 -23.12 -42.89 -38.41
N SER B 53 -23.23 -41.99 -39.39
CA SER B 53 -22.05 -41.52 -40.10
C SER B 53 -22.41 -40.24 -40.83
N THR B 54 -21.38 -39.50 -41.21
CA THR B 54 -21.62 -38.34 -42.06
C THR B 54 -22.37 -38.71 -43.33
N PRO B 55 -22.05 -39.80 -44.06
CA PRO B 55 -22.90 -40.18 -45.21
C PRO B 55 -24.35 -40.42 -44.85
N ASP B 56 -24.64 -40.92 -43.64
CA ASP B 56 -26.02 -41.05 -43.17
C ASP B 56 -26.71 -39.69 -43.12
N VAL B 57 -26.02 -38.69 -42.58
CA VAL B 57 -26.59 -37.36 -42.46
C VAL B 57 -26.86 -36.77 -43.84
N VAL B 58 -25.89 -36.89 -44.76
CA VAL B 58 -26.08 -36.45 -46.14
C VAL B 58 -27.34 -37.06 -46.73
N ALA B 59 -27.51 -38.38 -46.54
CA ALA B 59 -28.69 -39.05 -47.07
C ALA B 59 -29.97 -38.54 -46.44
N ALA B 60 -29.98 -38.35 -45.12
CA ALA B 60 -31.20 -37.89 -44.45
C ALA B 60 -31.56 -36.46 -44.83
N VAL B 61 -30.56 -35.58 -44.90
CA VAL B 61 -30.82 -34.19 -45.30
C VAL B 61 -31.44 -34.18 -46.70
N SER B 62 -30.81 -34.88 -47.63
CA SER B 62 -31.31 -34.90 -49.01
C SER B 62 -32.71 -35.51 -49.10
N PHE B 63 -32.96 -36.56 -48.32
CA PHE B 63 -34.27 -37.20 -48.34
C PHE B 63 -35.35 -36.26 -47.84
N ALA B 64 -35.09 -35.56 -46.73
CA ALA B 64 -36.05 -34.58 -46.23
C ALA B 64 -36.27 -33.45 -47.22
N ARG B 65 -35.19 -32.99 -47.84
CA ARG B 65 -35.31 -31.89 -48.79
C ARG B 65 -36.20 -32.28 -49.96
N LYS B 66 -36.01 -33.48 -50.51
CA LYS B 66 -36.78 -33.89 -51.68
C LYS B 66 -38.22 -34.24 -51.31
N SER B 67 -38.43 -34.78 -50.11
CA SER B 67 -39.77 -35.14 -49.64
C SER B 67 -40.54 -33.95 -49.08
N GLY B 68 -39.86 -32.83 -48.80
CA GLY B 68 -40.54 -31.74 -48.14
C GLY B 68 -40.91 -32.04 -46.69
N LEU B 69 -40.11 -32.84 -46.00
CA LEU B 69 -40.36 -33.14 -44.60
C LEU B 69 -39.72 -32.08 -43.72
N LEU B 70 -40.49 -31.60 -42.74
CA LEU B 70 -39.95 -30.72 -41.71
C LEU B 70 -38.82 -31.42 -40.96
N VAL B 71 -37.66 -30.75 -40.87
CA VAL B 71 -36.45 -31.35 -40.30
C VAL B 71 -36.23 -30.89 -38.87
N ALA B 72 -36.23 -31.85 -37.94
CA ALA B 72 -35.65 -31.65 -36.62
C ALA B 72 -34.31 -32.36 -36.58
N VAL B 73 -33.29 -31.68 -36.06
CA VAL B 73 -31.98 -32.25 -35.79
C VAL B 73 -31.86 -32.44 -34.29
N ARG B 74 -31.39 -33.61 -33.88
CA ARG B 74 -31.26 -33.97 -32.47
C ARG B 74 -29.84 -34.38 -32.17
N GLY B 75 -29.21 -33.68 -31.23
CA GLY B 75 -27.95 -34.09 -30.64
C GLY B 75 -28.21 -34.85 -29.37
N GLY B 76 -28.28 -34.12 -28.24
CA GLY B 76 -28.60 -34.70 -26.94
C GLY B 76 -30.04 -34.53 -26.46
N GLY B 77 -30.88 -33.83 -27.22
CA GLY B 77 -32.28 -33.71 -26.86
C GLY B 77 -32.61 -32.74 -25.73
N HIS B 78 -31.73 -31.78 -25.42
CA HIS B 78 -31.92 -30.89 -24.28
C HIS B 78 -32.56 -29.56 -24.63
N SER B 79 -33.00 -29.36 -25.88
CA SER B 79 -33.64 -28.12 -26.28
C SER B 79 -34.76 -27.72 -25.33
N MET B 80 -34.55 -26.61 -24.64
CA MET B 80 -35.59 -26.13 -23.77
C MET B 80 -36.81 -25.67 -24.56
N ALA B 81 -36.64 -25.40 -25.85
CA ALA B 81 -37.75 -25.03 -26.71
C ALA B 81 -38.36 -26.22 -27.42
N GLY B 82 -37.85 -27.43 -27.20
CA GLY B 82 -38.39 -28.61 -27.86
C GLY B 82 -38.05 -28.79 -29.33
N HIS B 83 -36.98 -28.14 -29.81
CA HIS B 83 -36.68 -28.07 -31.24
C HIS B 83 -36.22 -29.39 -31.85
N SER B 84 -35.83 -30.39 -31.04
CA SER B 84 -35.24 -31.62 -31.53
C SER B 84 -36.27 -32.73 -31.79
N VAL B 85 -37.57 -32.42 -31.79
CA VAL B 85 -38.61 -33.34 -32.24
C VAL B 85 -39.69 -32.54 -32.96
N CYS B 86 -40.30 -33.15 -33.98
CA CYS B 86 -41.28 -32.46 -34.80
C CYS B 86 -42.53 -33.33 -34.95
N ASP B 87 -43.64 -32.66 -35.24
CA ASP B 87 -44.87 -33.34 -35.62
C ASP B 87 -44.86 -33.50 -37.13
N GLY B 88 -44.88 -34.74 -37.60
CA GLY B 88 -45.10 -35.03 -39.00
C GLY B 88 -43.88 -34.99 -39.89
N GLY B 89 -42.72 -34.60 -39.37
CA GLY B 89 -41.54 -34.54 -40.19
C GLY B 89 -40.56 -35.67 -39.92
N ILE B 90 -39.28 -35.39 -40.13
CA ILE B 90 -38.21 -36.34 -39.89
C ILE B 90 -37.31 -35.78 -38.79
N VAL B 91 -36.94 -36.63 -37.85
CA VAL B 91 -35.89 -36.30 -36.90
C VAL B 91 -34.60 -36.85 -37.49
N ILE B 92 -33.67 -35.96 -37.81
CA ILE B 92 -32.29 -36.36 -38.11
C ILE B 92 -31.59 -36.49 -36.77
N ASP B 93 -31.55 -37.72 -36.25
CA ASP B 93 -31.14 -38.01 -34.89
C ASP B 93 -29.67 -38.42 -34.91
N LEU B 94 -28.82 -37.66 -34.23
CA LEU B 94 -27.39 -37.91 -34.22
C LEU B 94 -26.93 -38.69 -32.98
N SER B 95 -27.84 -39.15 -32.13
CA SER B 95 -27.43 -39.63 -30.81
C SER B 95 -26.48 -40.82 -30.86
N LEU B 96 -26.49 -41.59 -31.94
CA LEU B 96 -25.52 -42.68 -32.08
C LEU B 96 -24.17 -42.21 -32.63
N MET B 97 -24.05 -40.95 -33.06
CA MET B 97 -22.75 -40.44 -33.50
C MET B 97 -22.09 -39.78 -32.31
N ASN B 98 -21.39 -40.61 -31.52
N ASN B 98 -21.41 -40.60 -31.48
CA ASN B 98 -20.85 -40.29 -30.20
CA ASN B 98 -20.81 -40.08 -30.26
C ASN B 98 -19.33 -40.50 -30.14
C ASN B 98 -19.33 -40.48 -30.16
N SER B 99 -18.69 -40.78 -31.28
CA SER B 99 -17.25 -41.06 -31.27
C SER B 99 -16.40 -39.82 -31.03
N ILE B 100 -15.34 -40.02 -30.25
CA ILE B 100 -14.39 -38.98 -29.89
C ILE B 100 -12.99 -39.50 -30.15
N LYS B 101 -12.13 -38.64 -30.70
CA LYS B 101 -10.70 -38.85 -30.75
C LYS B 101 -10.06 -37.72 -29.96
N VAL B 102 -9.15 -38.05 -29.05
CA VAL B 102 -8.37 -37.09 -28.29
C VAL B 102 -6.91 -37.35 -28.61
N SER B 103 -6.19 -36.29 -29.00
CA SER B 103 -4.74 -36.33 -29.12
C SER B 103 -4.13 -35.55 -27.98
N ARG B 104 -3.29 -36.21 -27.17
CA ARG B 104 -2.60 -35.51 -26.09
C ARG B 104 -1.52 -34.56 -26.62
N ARG B 105 -0.74 -35.05 -27.58
CA ARG B 105 0.33 -34.25 -28.15
C ARG B 105 -0.22 -33.02 -28.82
N LEU B 106 -1.28 -33.17 -29.58
CA LEU B 106 -1.89 -32.04 -30.20
C LEU B 106 -2.73 -31.22 -29.24
N ARG B 107 -3.21 -31.84 -28.18
CA ARG B 107 -4.14 -31.25 -27.24
C ARG B 107 -5.35 -30.76 -28.03
N ARG B 108 -5.91 -31.67 -28.81
CA ARG B 108 -7.06 -31.46 -29.66
C ARG B 108 -8.02 -32.62 -29.51
N ALA B 109 -9.29 -32.32 -29.61
CA ALA B 109 -10.31 -33.34 -29.57
C ALA B 109 -11.21 -33.17 -30.78
N ARG B 110 -11.56 -34.29 -31.40
CA ARG B 110 -12.55 -34.34 -32.46
C ARG B 110 -13.71 -35.18 -31.97
N ALA B 111 -14.91 -34.61 -31.99
CA ALA B 111 -16.08 -35.26 -31.41
C ALA B 111 -17.21 -35.22 -32.41
N GLN B 112 -17.91 -36.33 -32.55
CA GLN B 112 -19.03 -36.39 -33.47
C GLN B 112 -20.22 -35.58 -32.95
N GLY B 113 -21.10 -35.20 -33.87
CA GLY B 113 -22.09 -34.19 -33.56
C GLY B 113 -23.18 -34.65 -32.60
N GLY B 114 -23.24 -35.93 -32.28
CA GLY B 114 -24.22 -36.44 -31.34
C GLY B 114 -23.67 -36.76 -29.96
N CYS B 115 -22.40 -36.42 -29.68
CA CYS B 115 -21.80 -36.73 -28.40
C CYS B 115 -22.57 -36.08 -27.26
N LEU B 116 -22.62 -36.79 -26.14
CA LEU B 116 -23.00 -36.16 -24.88
C LEU B 116 -21.76 -35.58 -24.22
N LEU B 117 -21.97 -34.53 -23.42
CA LEU B 117 -20.83 -33.81 -22.84
C LEU B 117 -20.01 -34.74 -21.94
N GLY B 118 -20.69 -35.58 -21.16
CA GLY B 118 -19.98 -36.45 -20.25
C GLY B 118 -19.03 -37.41 -20.95
N ALA B 119 -19.39 -37.88 -22.15
CA ALA B 119 -18.47 -38.75 -22.89
C ALA B 119 -17.27 -37.95 -23.39
N PHE B 120 -17.48 -36.70 -23.80
CA PHE B 120 -16.37 -35.86 -24.23
C PHE B 120 -15.44 -35.55 -23.06
N ASP B 121 -16.01 -35.09 -21.93
CA ASP B 121 -15.19 -34.82 -20.74
C ASP B 121 -14.45 -36.09 -20.28
N THR B 122 -15.09 -37.25 -20.35
CA THR B 122 -14.42 -38.52 -19.98
C THR B 122 -13.19 -38.76 -20.83
N ALA B 123 -13.34 -38.61 -22.15
CA ALA B 123 -12.24 -38.85 -23.07
C ALA B 123 -11.11 -37.84 -22.87
N THR B 124 -11.42 -36.54 -22.73
CA THR B 124 -10.34 -35.57 -22.59
C THR B 124 -9.68 -35.69 -21.22
N GLN B 125 -10.46 -35.98 -20.17
CA GLN B 125 -9.90 -36.07 -18.82
C GLN B 125 -9.05 -37.31 -18.60
N ALA B 126 -9.13 -38.31 -19.48
CA ALA B 126 -8.16 -39.40 -19.46
C ALA B 126 -6.73 -38.89 -19.62
N HIS B 127 -6.55 -37.72 -20.23
CA HIS B 127 -5.25 -37.08 -20.39
C HIS B 127 -5.14 -35.79 -19.59
N MET B 128 -6.02 -35.59 -18.61
CA MET B 128 -6.06 -34.37 -17.80
C MET B 128 -6.34 -33.12 -18.66
N LEU B 129 -7.07 -33.28 -19.75
CA LEU B 129 -7.38 -32.16 -20.64
C LEU B 129 -8.87 -31.85 -20.59
N ALA B 130 -9.23 -30.65 -21.03
CA ALA B 130 -10.63 -30.24 -21.01
C ALA B 130 -10.81 -29.06 -21.95
N THR B 131 -12.07 -28.83 -22.30
CA THR B 131 -12.44 -27.59 -22.98
C THR B 131 -13.75 -27.11 -22.35
N PRO B 132 -13.98 -25.79 -22.33
CA PRO B 132 -15.16 -25.27 -21.60
C PRO B 132 -16.45 -25.77 -22.22
N ALA B 133 -17.41 -26.11 -21.35
CA ALA B 133 -18.75 -26.49 -21.78
C ALA B 133 -19.71 -26.33 -20.59
N GLY B 134 -20.96 -26.77 -20.78
CA GLY B 134 -21.97 -26.67 -19.74
C GLY B 134 -21.72 -27.58 -18.53
N VAL B 135 -22.58 -27.42 -17.53
CA VAL B 135 -22.38 -28.03 -16.21
C VAL B 135 -23.13 -29.36 -16.00
N VAL B 136 -24.02 -29.77 -16.91
CA VAL B 136 -24.76 -31.01 -16.77
C VAL B 136 -24.30 -32.00 -17.84
N SER B 137 -23.84 -33.17 -17.40
N SER B 137 -23.87 -33.17 -17.38
CA SER B 137 -23.05 -34.04 -18.26
CA SER B 137 -23.08 -34.08 -18.21
C SER B 137 -23.84 -34.66 -19.42
C SER B 137 -23.85 -34.63 -19.42
N HIS B 138 -25.16 -34.81 -19.30
CA HIS B 138 -25.90 -35.43 -20.39
C HIS B 138 -26.45 -34.41 -21.39
N THR B 139 -26.05 -33.15 -21.30
CA THR B 139 -26.32 -32.21 -22.37
C THR B 139 -25.62 -32.63 -23.65
N GLY B 140 -26.29 -32.45 -24.78
CA GLY B 140 -25.66 -32.68 -26.06
C GLY B 140 -24.64 -31.59 -26.42
N LEU B 141 -23.52 -32.03 -26.96
CA LEU B 141 -22.51 -31.11 -27.44
C LEU B 141 -23.03 -30.32 -28.64
N GLY B 142 -23.89 -30.94 -29.44
CA GLY B 142 -24.42 -30.34 -30.65
C GLY B 142 -25.08 -28.99 -30.47
N GLY B 143 -26.21 -28.93 -29.77
CA GLY B 143 -26.89 -27.67 -29.64
C GLY B 143 -26.14 -26.69 -28.75
N MET B 144 -25.45 -27.22 -27.74
CA MET B 144 -24.78 -26.40 -26.76
C MET B 144 -23.63 -25.59 -27.37
N VAL B 145 -22.74 -26.25 -28.11
CA VAL B 145 -21.63 -25.53 -28.71
C VAL B 145 -22.16 -24.52 -29.73
N LEU B 146 -23.10 -24.94 -30.59
CA LEU B 146 -23.57 -24.07 -31.66
C LEU B 146 -24.24 -22.79 -31.16
N GLY B 147 -24.66 -22.76 -29.90
CA GLY B 147 -25.27 -21.60 -29.30
C GLY B 147 -24.26 -20.79 -28.51
N GLY B 148 -23.10 -21.39 -28.27
CA GLY B 148 -22.02 -20.73 -27.55
C GLY B 148 -21.35 -21.66 -26.55
N GLY B 149 -22.08 -22.00 -25.49
CA GLY B 149 -21.60 -22.97 -24.50
C GLY B 149 -20.75 -22.41 -23.38
N PHE B 150 -21.31 -22.30 -22.17
CA PHE B 150 -20.54 -21.79 -21.04
C PHE B 150 -20.75 -22.65 -19.82
N GLY B 151 -19.77 -22.60 -18.92
CA GLY B 151 -19.77 -23.40 -17.70
C GLY B 151 -18.57 -23.07 -16.84
N TRP B 152 -18.10 -24.04 -16.06
CA TRP B 152 -17.12 -23.77 -15.01
C TRP B 152 -15.82 -23.18 -15.57
N LEU B 153 -15.39 -23.63 -16.74
CA LEU B 153 -14.11 -23.18 -17.31
C LEU B 153 -14.21 -21.89 -18.11
N SER B 154 -15.40 -21.28 -18.25
CA SER B 154 -15.53 -20.23 -19.25
C SER B 154 -14.84 -18.93 -18.81
N ARG B 155 -14.90 -18.59 -17.53
CA ARG B 155 -14.26 -17.37 -17.06
C ARG B 155 -12.75 -17.41 -17.26
N LYS B 156 -12.16 -18.60 -17.21
CA LYS B 156 -10.74 -18.81 -17.46
C LYS B 156 -10.45 -18.99 -18.96
N TYR B 157 -11.23 -19.85 -19.64
CA TYR B 157 -10.92 -20.25 -21.02
C TYR B 157 -11.96 -19.89 -22.05
N GLY B 158 -13.04 -19.20 -21.68
CA GLY B 158 -13.98 -18.72 -22.69
C GLY B 158 -15.12 -19.69 -22.95
N LEU B 159 -15.93 -19.35 -23.95
CA LEU B 159 -17.03 -20.23 -24.33
C LEU B 159 -16.50 -21.46 -25.07
N SER B 160 -17.35 -22.49 -25.21
CA SER B 160 -16.98 -23.61 -26.07
C SER B 160 -16.61 -23.14 -27.49
N ILE B 161 -17.37 -22.20 -28.04
CA ILE B 161 -17.07 -21.73 -29.40
C ILE B 161 -15.72 -21.01 -29.49
N ASP B 162 -15.21 -20.46 -28.39
CA ASP B 162 -13.91 -19.80 -28.32
C ASP B 162 -12.76 -20.80 -28.33
N ASN B 163 -13.06 -22.09 -28.28
CA ASN B 163 -12.06 -23.14 -28.35
C ASN B 163 -12.30 -24.07 -29.51
N LEU B 164 -13.33 -23.81 -30.29
CA LEU B 164 -13.64 -24.58 -31.47
C LEU B 164 -12.73 -24.12 -32.60
N THR B 165 -12.07 -25.08 -33.27
CA THR B 165 -11.14 -24.76 -34.33
C THR B 165 -11.64 -25.10 -35.73
N SER B 166 -12.59 -26.02 -35.86
CA SER B 166 -13.20 -26.33 -37.14
C SER B 166 -14.42 -27.20 -36.92
N VAL B 167 -15.29 -27.25 -37.93
CA VAL B 167 -16.41 -28.18 -37.93
C VAL B 167 -16.46 -28.85 -39.28
N GLU B 168 -16.97 -30.09 -39.29
CA GLU B 168 -17.48 -30.72 -40.49
C GLU B 168 -18.99 -30.57 -40.49
N ILE B 169 -19.55 -30.09 -41.60
CA ILE B 169 -20.97 -29.74 -41.60
C ILE B 169 -21.62 -30.15 -42.92
N VAL B 170 -22.84 -30.66 -42.81
CA VAL B 170 -23.67 -31.05 -43.95
C VAL B 170 -24.69 -29.94 -44.18
N THR B 171 -24.64 -29.32 -45.36
CA THR B 171 -25.54 -28.20 -45.65
C THR B 171 -26.82 -28.69 -46.30
N ALA B 172 -27.79 -27.77 -46.43
CA ALA B 172 -29.12 -28.15 -46.89
C ALA B 172 -29.15 -28.70 -48.31
N ASP B 173 -28.12 -28.46 -49.11
CA ASP B 173 -28.06 -29.01 -50.46
C ASP B 173 -27.44 -30.41 -50.48
N GLY B 174 -27.09 -30.97 -49.32
CA GLY B 174 -26.52 -32.30 -49.27
C GLY B 174 -25.02 -32.35 -49.29
N GLY B 175 -24.35 -31.24 -49.41
CA GLY B 175 -22.91 -31.24 -49.43
C GLY B 175 -22.29 -31.34 -48.04
N VAL B 176 -21.01 -31.67 -48.01
CA VAL B 176 -20.21 -31.70 -46.80
C VAL B 176 -19.15 -30.62 -46.92
N LEU B 177 -19.10 -29.72 -45.94
CA LEU B 177 -18.14 -28.64 -45.93
C LEU B 177 -17.30 -28.71 -44.66
N THR B 178 -16.07 -28.26 -44.77
CA THR B 178 -15.28 -27.90 -43.60
C THR B 178 -15.45 -26.40 -43.38
N ALA B 179 -15.55 -26.01 -42.12
CA ALA B 179 -15.62 -24.60 -41.74
C ALA B 179 -14.56 -24.35 -40.67
N SER B 180 -13.73 -23.33 -40.89
CA SER B 180 -12.65 -22.97 -39.96
C SER B 180 -12.30 -21.50 -40.19
N ASP B 181 -11.23 -21.04 -39.51
CA ASP B 181 -10.76 -19.67 -39.73
C ASP B 181 -10.15 -19.49 -41.11
N THR B 182 -9.80 -20.59 -41.80
CA THR B 182 -9.18 -20.52 -43.11
C THR B 182 -10.03 -21.12 -44.23
N GLU B 183 -11.18 -21.72 -43.93
CA GLU B 183 -12.02 -22.34 -44.94
C GLU B 183 -13.47 -22.02 -44.63
N ASN B 184 -14.18 -21.46 -45.61
CA ASN B 184 -15.55 -20.99 -45.44
C ASN B 184 -15.73 -20.17 -44.15
N PRO B 185 -14.94 -19.10 -43.96
CA PRO B 185 -14.91 -18.43 -42.65
C PRO B 185 -16.18 -17.69 -42.32
N ASP B 186 -17.02 -17.40 -43.32
CA ASP B 186 -18.33 -16.84 -43.03
C ASP B 186 -19.20 -17.87 -42.32
N LEU B 187 -19.16 -19.12 -42.79
CA LEU B 187 -19.92 -20.19 -42.14
C LEU B 187 -19.36 -20.48 -40.75
N PHE B 188 -18.04 -20.50 -40.61
CA PHE B 188 -17.43 -20.71 -39.30
C PHE B 188 -17.74 -19.57 -38.35
N TRP B 189 -17.88 -18.35 -38.87
CA TRP B 189 -18.37 -17.26 -38.05
C TRP B 189 -19.79 -17.53 -37.58
N ALA B 190 -20.67 -17.99 -38.49
CA ALA B 190 -22.07 -18.12 -38.14
C ALA B 190 -22.35 -19.29 -37.19
N VAL B 191 -21.65 -20.42 -37.36
CA VAL B 191 -21.97 -21.58 -36.51
C VAL B 191 -21.51 -21.36 -35.09
N ARG B 192 -20.58 -20.43 -34.86
CA ARG B 192 -20.15 -20.09 -33.51
C ARG B 192 -21.16 -19.12 -32.89
N GLY B 193 -22.31 -19.68 -32.53
CA GLY B 193 -23.36 -18.95 -31.85
C GLY B 193 -24.67 -18.88 -32.61
N GLY B 194 -24.69 -19.27 -33.90
CA GLY B 194 -25.89 -19.21 -34.72
C GLY B 194 -26.72 -20.49 -34.74
N GLY B 195 -26.46 -21.42 -33.82
CA GLY B 195 -27.35 -22.57 -33.73
C GLY B 195 -27.29 -23.47 -34.96
N GLY B 196 -28.35 -24.25 -35.12
CA GLY B 196 -28.41 -25.24 -36.17
C GLY B 196 -28.92 -24.69 -37.49
N ASN B 197 -28.83 -23.38 -37.66
CA ASN B 197 -29.48 -22.73 -38.78
C ASN B 197 -28.82 -23.08 -40.12
N PHE B 198 -27.54 -23.41 -40.11
CA PHE B 198 -26.73 -23.42 -41.32
C PHE B 198 -26.33 -24.81 -41.80
N GLY B 199 -26.77 -25.85 -41.10
CA GLY B 199 -26.45 -27.22 -41.48
C GLY B 199 -26.22 -28.12 -40.27
N VAL B 200 -25.98 -29.40 -40.51
CA VAL B 200 -25.80 -30.39 -39.43
C VAL B 200 -24.31 -30.57 -39.18
N VAL B 201 -23.86 -30.24 -37.98
CA VAL B 201 -22.45 -30.43 -37.66
C VAL B 201 -22.26 -31.89 -37.28
N THR B 202 -21.42 -32.57 -38.05
CA THR B 202 -21.15 -33.96 -37.85
C THR B 202 -19.86 -34.19 -37.07
N ALA B 203 -19.03 -33.16 -36.93
CA ALA B 203 -17.83 -33.26 -36.12
C ALA B 203 -17.38 -31.87 -35.67
N PHE B 204 -16.96 -31.78 -34.41
CA PHE B 204 -16.40 -30.57 -33.84
C PHE B 204 -14.95 -30.83 -33.48
N GLU B 205 -14.06 -29.89 -33.78
CA GLU B 205 -12.68 -29.96 -33.32
C GLU B 205 -12.43 -28.86 -32.29
N PHE B 206 -11.85 -29.24 -31.16
CA PHE B 206 -11.60 -28.32 -30.06
C PHE B 206 -10.12 -28.29 -29.71
N ASP B 207 -9.63 -27.10 -29.35
CA ASP B 207 -8.42 -27.00 -28.54
C ASP B 207 -8.72 -27.44 -27.12
N LEU B 208 -7.76 -28.09 -26.47
CA LEU B 208 -7.90 -28.51 -25.09
C LEU B 208 -6.88 -27.82 -24.22
N HIS B 209 -7.17 -27.80 -22.92
CA HIS B 209 -6.33 -27.19 -21.91
C HIS B 209 -6.08 -28.19 -20.79
N ARG B 210 -4.94 -28.07 -20.12
CA ARG B 210 -4.61 -28.95 -19.00
C ARG B 210 -5.34 -28.48 -17.74
N VAL B 211 -6.22 -29.32 -17.20
CA VAL B 211 -6.99 -28.99 -16.00
C VAL B 211 -6.84 -30.13 -15.00
N GLY B 212 -6.10 -29.88 -13.92
CA GLY B 212 -5.95 -30.85 -12.84
C GLY B 212 -7.01 -30.67 -11.76
N PRO B 213 -6.76 -31.20 -10.56
CA PRO B 213 -7.78 -31.14 -9.51
C PRO B 213 -8.18 -29.72 -9.19
N VAL B 214 -9.47 -29.54 -8.91
CA VAL B 214 -10.06 -28.22 -8.71
C VAL B 214 -10.61 -28.17 -7.28
N ARG B 215 -10.28 -27.09 -6.56
CA ARG B 215 -10.92 -26.88 -5.29
C ARG B 215 -12.34 -26.37 -5.51
N PHE B 216 -13.30 -27.01 -4.84
CA PHE B 216 -14.72 -26.82 -5.06
C PHE B 216 -15.43 -26.69 -3.72
N ALA B 217 -16.42 -25.80 -3.68
CA ALA B 217 -17.27 -25.67 -2.51
C ALA B 217 -18.72 -25.45 -2.91
N SER B 218 -19.62 -26.11 -2.18
CA SER B 218 -21.06 -25.88 -2.28
C SER B 218 -21.64 -25.74 -0.88
N THR B 219 -22.55 -24.81 -0.73
CA THR B 219 -23.15 -24.53 0.58
C THR B 219 -24.51 -23.88 0.37
N TYR B 220 -25.24 -23.73 1.48
CA TYR B 220 -26.60 -23.22 1.47
C TYR B 220 -26.73 -22.11 2.50
N TYR B 221 -27.29 -20.97 2.08
CA TYR B 221 -27.58 -19.86 2.97
C TYR B 221 -29.10 -19.71 3.10
N SER B 222 -29.57 -19.40 4.31
CA SER B 222 -30.98 -19.11 4.50
C SER B 222 -31.34 -17.81 3.78
N LEU B 223 -32.59 -17.72 3.30
CA LEU B 223 -33.03 -16.47 2.67
C LEU B 223 -33.04 -15.30 3.63
N ASP B 224 -33.08 -15.57 4.94
CA ASP B 224 -32.79 -14.56 5.96
C ASP B 224 -31.56 -13.74 5.61
N GLU B 225 -30.50 -14.40 5.14
CA GLU B 225 -29.26 -13.72 4.80
C GLU B 225 -29.11 -13.53 3.29
N GLY B 226 -30.23 -13.52 2.56
CA GLY B 226 -30.26 -13.32 1.13
C GLY B 226 -29.65 -12.02 0.65
N PRO B 227 -30.09 -10.87 1.21
CA PRO B 227 -29.57 -9.59 0.71
C PRO B 227 -28.05 -9.43 0.85
N GLN B 228 -27.46 -9.89 1.96
CA GLN B 228 -26.01 -9.78 2.09
C GLN B 228 -25.29 -10.77 1.19
N VAL B 229 -25.80 -11.99 1.01
CA VAL B 229 -25.09 -12.98 0.20
C VAL B 229 -25.03 -12.52 -1.25
N ILE B 230 -26.19 -12.15 -1.81
CA ILE B 230 -26.24 -11.79 -3.22
C ILE B 230 -25.44 -10.52 -3.48
N ARG B 231 -25.51 -9.53 -2.58
CA ARG B 231 -24.74 -8.31 -2.83
C ARG B 231 -23.25 -8.57 -2.72
N ALA B 232 -22.84 -9.44 -1.79
CA ALA B 232 -21.45 -9.85 -1.72
C ALA B 232 -21.03 -10.54 -3.01
N TRP B 233 -21.89 -11.41 -3.52
CA TRP B 233 -21.62 -12.12 -4.77
C TRP B 233 -21.46 -11.16 -5.93
N ARG B 234 -22.42 -10.24 -6.10
CA ARG B 234 -22.33 -9.29 -7.23
C ARG B 234 -21.12 -8.38 -7.10
N ASP B 235 -20.77 -7.97 -5.87
CA ASP B 235 -19.63 -7.07 -5.70
C ASP B 235 -18.31 -7.80 -5.86
N HIS B 236 -18.20 -9.04 -5.35
CA HIS B 236 -16.94 -9.76 -5.48
C HIS B 236 -16.62 -10.07 -6.94
N MET B 237 -17.62 -10.50 -7.71
CA MET B 237 -17.35 -10.94 -9.09
C MET B 237 -16.98 -9.79 -10.01
N ALA B 238 -17.38 -8.57 -9.68
CA ALA B 238 -17.00 -7.43 -10.50
C ALA B 238 -15.50 -7.31 -10.61
N THR B 239 -14.76 -7.74 -9.58
CA THR B 239 -13.31 -7.66 -9.55
C THR B 239 -12.65 -9.01 -9.26
N ALA B 240 -13.38 -10.12 -9.36
CA ALA B 240 -12.79 -11.42 -9.06
C ALA B 240 -11.81 -11.83 -10.16
N PRO B 241 -10.75 -12.56 -9.80
CA PRO B 241 -9.87 -13.13 -10.82
C PRO B 241 -10.62 -14.08 -11.73
N ASP B 242 -10.07 -14.29 -12.93
CA ASP B 242 -10.61 -15.27 -13.88
C ASP B 242 -10.74 -16.65 -13.23
N GLU B 243 -9.79 -17.02 -12.38
CA GLU B 243 -9.74 -18.39 -11.84
C GLU B 243 -10.94 -18.71 -10.94
N LEU B 244 -11.66 -17.72 -10.45
CA LEU B 244 -12.81 -17.95 -9.58
C LEU B 244 -14.11 -17.91 -10.37
N THR B 245 -14.91 -18.95 -10.24
CA THR B 245 -16.29 -18.96 -10.70
C THR B 245 -17.21 -19.23 -9.51
N TRP B 246 -18.34 -18.54 -9.48
CA TRP B 246 -19.23 -18.54 -8.34
C TRP B 246 -20.64 -18.28 -8.85
N ALA B 247 -21.56 -19.20 -8.56
CA ALA B 247 -22.93 -19.19 -9.07
C ALA B 247 -23.92 -19.45 -7.95
N LEU B 248 -25.10 -18.85 -8.06
CA LEU B 248 -26.13 -18.96 -7.03
C LEU B 248 -27.37 -19.61 -7.61
N TYR B 249 -27.92 -20.58 -6.88
CA TYR B 249 -29.12 -21.32 -7.28
C TYR B 249 -30.13 -21.20 -6.14
N LEU B 250 -31.14 -20.37 -6.33
CA LEU B 250 -32.18 -20.22 -5.32
C LEU B 250 -33.23 -21.27 -5.59
N ARG B 251 -33.54 -22.06 -4.55
CA ARG B 251 -34.29 -23.30 -4.73
C ARG B 251 -34.75 -23.75 -3.36
N LEU B 252 -35.67 -24.72 -3.35
CA LEU B 252 -36.03 -25.40 -2.10
C LEU B 252 -34.85 -26.24 -1.63
N ALA B 253 -34.59 -26.24 -0.32
CA ALA B 253 -33.48 -27.03 0.21
C ALA B 253 -33.78 -28.51 0.08
N PRO B 254 -32.88 -29.31 -0.51
CA PRO B 254 -33.16 -30.72 -0.67
C PRO B 254 -33.09 -31.42 0.68
N PRO B 255 -33.74 -32.43 0.84
CA PRO B 255 -33.73 -33.15 2.11
C PRO B 255 -32.49 -34.01 2.30
N LEU B 256 -31.30 -33.36 2.32
CA LEU B 256 -30.01 -34.05 2.31
C LEU B 256 -29.35 -33.99 3.69
N PRO B 257 -28.51 -34.99 4.03
CA PRO B 257 -28.10 -35.12 5.44
C PRO B 257 -27.22 -33.99 5.91
N GLU B 258 -26.44 -33.37 5.02
CA GLU B 258 -25.62 -32.25 5.45
C GLU B 258 -26.47 -31.05 5.87
N LEU B 259 -27.78 -31.07 5.59
CA LEU B 259 -28.56 -29.92 5.99
C LEU B 259 -29.53 -30.26 7.13
N PRO B 260 -29.77 -29.31 8.03
CA PRO B 260 -30.75 -29.55 9.10
C PRO B 260 -32.15 -29.68 8.52
N ALA B 261 -32.88 -30.68 9.03
CA ALA B 261 -34.20 -31.03 8.51
C ALA B 261 -35.15 -29.85 8.57
N ASP B 262 -34.92 -28.98 9.54
CA ASP B 262 -35.50 -27.64 9.59
C ASP B 262 -35.56 -26.96 8.22
N MET B 263 -34.44 -26.99 7.49
CA MET B 263 -34.36 -26.25 6.24
C MET B 263 -34.97 -27.00 5.07
N HIS B 264 -35.19 -28.32 5.21
CA HIS B 264 -35.74 -29.15 4.15
C HIS B 264 -36.99 -28.55 3.54
N GLY B 265 -37.02 -28.49 2.21
CA GLY B 265 -38.22 -28.06 1.52
C GLY B 265 -38.51 -26.59 1.62
N LYS B 266 -37.57 -25.80 2.09
CA LYS B 266 -37.80 -24.38 2.18
C LYS B 266 -36.83 -23.61 1.29
N PRO B 267 -37.24 -22.45 0.78
CA PRO B 267 -36.39 -21.67 -0.13
C PRO B 267 -35.08 -21.24 0.53
N VAL B 268 -33.98 -21.51 -0.19
CA VAL B 268 -32.61 -21.23 0.25
C VAL B 268 -31.82 -20.75 -0.97
N ILE B 269 -30.61 -20.24 -0.70
CA ILE B 269 -29.64 -19.93 -1.75
C ILE B 269 -28.59 -21.01 -1.74
N CYS B 270 -28.55 -21.85 -2.77
CA CYS B 270 -27.46 -22.80 -2.92
C CYS B 270 -26.34 -22.11 -3.68
N ALA B 271 -25.15 -22.03 -3.07
CA ALA B 271 -24.00 -21.37 -3.66
C ALA B 271 -22.96 -22.43 -4.02
N MET B 272 -22.49 -22.38 -5.25
CA MET B 272 -21.45 -23.29 -5.75
C MET B 272 -20.31 -22.45 -6.30
N SER B 273 -19.08 -22.85 -5.97
CA SER B 273 -17.92 -22.09 -6.36
C SER B 273 -16.75 -23.03 -6.63
N CYS B 274 -15.85 -22.58 -7.49
CA CYS B 274 -14.63 -23.33 -7.73
C CYS B 274 -13.51 -22.37 -8.12
N TRP B 275 -12.29 -22.88 -7.98
CA TRP B 275 -11.07 -22.17 -8.33
C TRP B 275 -10.32 -23.02 -9.34
N ILE B 276 -10.19 -22.49 -10.56
CA ILE B 276 -9.51 -23.17 -11.66
C ILE B 276 -8.05 -22.73 -11.56
N GLY B 277 -7.25 -23.52 -10.86
CA GLY B 277 -5.91 -23.12 -10.50
C GLY B 277 -5.44 -23.96 -9.32
N ASP B 278 -4.36 -23.50 -8.70
CA ASP B 278 -3.75 -24.23 -7.58
C ASP B 278 -4.75 -24.45 -6.46
N PRO B 279 -5.00 -25.70 -6.04
CA PRO B 279 -5.98 -25.94 -4.96
C PRO B 279 -5.68 -25.20 -3.67
N HIS B 280 -4.40 -25.05 -3.32
CA HIS B 280 -4.09 -24.35 -2.08
C HIS B 280 -4.48 -22.88 -2.17
N GLU B 281 -4.35 -22.26 -3.31
CA GLU B 281 -4.77 -20.88 -3.47
C GLU B 281 -6.30 -20.81 -3.55
N GLY B 282 -6.89 -21.87 -4.10
CA GLY B 282 -8.32 -22.00 -4.19
C GLY B 282 -8.94 -22.06 -2.81
N GLU B 283 -8.33 -22.79 -1.88
CA GLU B 283 -8.82 -22.88 -0.52
C GLU B 283 -8.90 -21.48 0.15
N ARG B 284 -7.90 -20.66 -0.10
CA ARG B 284 -7.87 -19.31 0.33
C ARG B 284 -8.97 -18.49 -0.33
N GLN B 285 -9.13 -18.60 -1.63
CA GLN B 285 -10.12 -17.80 -2.32
C GLN B 285 -11.52 -18.21 -1.96
N LEU B 286 -11.78 -19.50 -1.93
CA LEU B 286 -13.13 -19.94 -1.58
C LEU B 286 -13.51 -19.54 -0.16
N GLU B 287 -12.59 -19.72 0.79
CA GLU B 287 -12.86 -19.31 2.16
C GLU B 287 -13.22 -17.83 2.27
N SER B 288 -12.63 -16.99 1.42
CA SER B 288 -12.94 -15.55 1.52
C SER B 288 -14.32 -15.21 0.98
N ILE B 289 -14.97 -16.12 0.26
CA ILE B 289 -16.30 -15.88 -0.30
C ILE B 289 -17.38 -16.78 0.31
N LEU B 290 -17.03 -17.67 1.23
CA LEU B 290 -18.00 -18.62 1.76
C LEU B 290 -18.75 -18.07 2.95
N HIS B 291 -18.34 -16.92 3.45
CA HIS B 291 -18.79 -16.48 4.74
C HIS B 291 -19.61 -15.18 4.72
N ALA B 292 -20.24 -14.86 3.58
CA ALA B 292 -21.12 -13.71 3.50
C ALA B 292 -22.45 -13.92 4.23
N GLY B 293 -22.89 -15.17 4.35
CA GLY B 293 -23.84 -15.57 5.36
C GLY B 293 -23.29 -16.83 6.01
N LYS B 294 -24.07 -17.39 6.94
CA LYS B 294 -23.62 -18.62 7.59
C LYS B 294 -23.81 -19.79 6.65
N PRO B 295 -22.74 -20.48 6.24
CA PRO B 295 -22.91 -21.59 5.32
C PRO B 295 -23.44 -22.82 6.04
N HIS B 296 -24.53 -23.37 5.54
CA HIS B 296 -25.10 -24.63 5.99
C HIS B 296 -24.79 -25.71 4.97
N GLY B 297 -24.70 -26.94 5.45
CA GLY B 297 -24.43 -28.06 4.56
C GLY B 297 -23.20 -27.86 3.72
N LEU B 298 -22.14 -27.31 4.31
CA LEU B 298 -20.93 -27.02 3.55
C LEU B 298 -20.24 -28.29 3.08
N THR B 299 -20.00 -28.39 1.78
CA THR B 299 -19.19 -29.42 1.17
C THR B 299 -17.99 -28.77 0.51
N LYS B 300 -16.78 -29.19 0.91
CA LYS B 300 -15.54 -28.75 0.30
C LYS B 300 -14.72 -29.95 -0.12
N ALA B 301 -14.09 -29.83 -1.28
CA ALA B 301 -13.39 -30.97 -1.85
C ALA B 301 -12.41 -30.48 -2.90
N THR B 302 -11.39 -31.30 -3.12
CA THR B 302 -10.52 -31.20 -4.27
C THR B 302 -10.94 -32.30 -5.25
N LEU B 303 -11.45 -31.89 -6.40
CA LEU B 303 -12.10 -32.76 -7.36
C LEU B 303 -11.32 -32.80 -8.68
N PRO B 304 -11.23 -33.96 -9.34
CA PRO B 304 -10.93 -33.97 -10.77
C PRO B 304 -11.97 -33.15 -11.50
N TYR B 305 -11.54 -32.45 -12.56
CA TYR B 305 -12.48 -31.64 -13.34
C TYR B 305 -13.66 -32.49 -13.84
N ARG B 306 -13.42 -33.75 -14.20
CA ARG B 306 -14.55 -34.57 -14.66
C ARG B 306 -15.58 -34.74 -13.56
N ALA B 307 -15.14 -34.73 -12.29
CA ALA B 307 -16.06 -34.88 -11.18
C ALA B 307 -16.77 -33.56 -10.85
N LEU B 308 -16.08 -32.42 -11.01
CA LEU B 308 -16.79 -31.16 -10.96
C LEU B 308 -17.89 -31.14 -12.02
N GLN B 309 -17.54 -31.57 -13.23
CA GLN B 309 -18.53 -31.61 -14.32
C GLN B 309 -19.72 -32.50 -13.97
N ALA B 310 -19.46 -33.62 -13.30
CA ALA B 310 -20.50 -34.61 -13.01
C ALA B 310 -21.35 -34.24 -11.81
N TYR B 311 -20.96 -33.23 -11.05
CA TYR B 311 -21.59 -32.98 -9.76
C TYR B 311 -22.99 -32.39 -9.91
N SER B 312 -23.18 -31.48 -10.87
CA SER B 312 -24.45 -30.76 -10.93
C SER B 312 -25.54 -31.71 -11.42
N PHE B 313 -26.61 -31.85 -10.64
CA PHE B 313 -26.74 -31.19 -9.33
C PHE B 313 -26.91 -32.21 -8.20
N PRO B 319 -37.60 -35.30 -12.81
CA PRO B 319 -38.05 -33.99 -13.30
C PRO B 319 -38.47 -34.14 -14.76
N ASP B 320 -39.77 -34.34 -14.97
CA ASP B 320 -40.33 -34.59 -16.30
C ASP B 320 -40.71 -33.34 -17.08
N ARG B 321 -41.15 -32.28 -16.43
CA ARG B 321 -41.72 -31.11 -17.11
C ARG B 321 -40.93 -29.86 -16.73
N ILE B 322 -40.61 -29.04 -17.75
CA ILE B 322 -39.72 -27.88 -17.62
C ILE B 322 -40.37 -26.69 -18.30
N TYR B 323 -40.01 -25.50 -17.81
CA TYR B 323 -40.27 -24.22 -18.47
C TYR B 323 -39.25 -23.20 -17.97
N THR B 324 -38.56 -22.52 -18.88
CA THR B 324 -37.58 -21.52 -18.46
C THR B 324 -37.79 -20.17 -19.12
N LYS B 325 -37.42 -19.14 -18.37
CA LYS B 325 -37.29 -17.77 -18.87
C LYS B 325 -35.92 -17.25 -18.44
N SER B 326 -35.15 -16.72 -19.39
CA SER B 326 -33.78 -16.34 -19.09
C SER B 326 -33.39 -15.07 -19.83
N GLY B 327 -32.39 -14.38 -19.29
CA GLY B 327 -31.80 -13.21 -19.94
C GLY B 327 -30.50 -12.80 -19.26
N TYR B 328 -29.83 -11.82 -19.86
CA TYR B 328 -28.60 -11.24 -19.34
C TYR B 328 -28.89 -9.96 -18.56
N LEU B 329 -27.98 -9.63 -17.65
CA LEU B 329 -27.94 -8.32 -17.01
C LEU B 329 -26.56 -7.69 -17.15
N ASN B 330 -26.55 -6.36 -17.22
CA ASN B 330 -25.33 -5.58 -17.13
C ASN B 330 -24.95 -5.28 -15.69
N GLU B 331 -25.93 -5.22 -14.79
CA GLU B 331 -25.70 -5.01 -13.37
C GLU B 331 -26.84 -5.64 -12.59
N LEU B 332 -26.56 -5.95 -11.32
CA LEU B 332 -27.55 -6.45 -10.39
C LEU B 332 -27.69 -5.45 -9.24
N SER B 333 -28.68 -4.58 -9.33
CA SER B 333 -28.93 -3.57 -8.30
C SER B 333 -29.59 -4.22 -7.08
N ASP B 334 -29.55 -3.48 -5.96
CA ASP B 334 -30.21 -3.94 -4.74
C ASP B 334 -31.69 -4.18 -5.01
N GLU B 335 -32.30 -3.34 -5.84
CA GLU B 335 -33.72 -3.49 -6.16
C GLU B 335 -33.98 -4.80 -6.90
N ALA B 336 -33.15 -5.11 -7.89
CA ALA B 336 -33.31 -6.39 -8.57
C ALA B 336 -33.05 -7.55 -7.62
N THR B 337 -32.11 -7.36 -6.68
CA THR B 337 -31.81 -8.39 -5.69
C THR B 337 -33.01 -8.69 -4.82
N ASP B 338 -33.70 -7.66 -4.33
CA ASP B 338 -34.89 -7.95 -3.54
C ASP B 338 -35.97 -8.60 -4.38
N THR B 339 -36.10 -8.22 -5.66
CA THR B 339 -37.03 -8.89 -6.57
C THR B 339 -36.74 -10.39 -6.65
N VAL B 340 -35.47 -10.75 -6.85
CA VAL B 340 -35.09 -12.16 -6.97
C VAL B 340 -35.43 -12.90 -5.69
N LEU B 341 -35.18 -12.28 -4.54
CA LEU B 341 -35.42 -12.96 -3.27
C LEU B 341 -36.91 -13.15 -3.01
N GLU B 342 -37.74 -12.16 -3.38
CA GLU B 342 -39.18 -12.29 -3.14
C GLU B 342 -39.76 -13.40 -4.01
N HIS B 343 -39.38 -13.45 -5.28
CA HIS B 343 -39.92 -14.50 -6.14
C HIS B 343 -39.38 -15.87 -5.74
N ALA B 344 -38.12 -15.95 -5.32
CA ALA B 344 -37.58 -17.22 -4.86
C ALA B 344 -38.36 -17.75 -3.65
N ALA B 345 -38.81 -16.83 -2.78
CA ALA B 345 -39.61 -17.22 -1.63
C ALA B 345 -40.93 -17.86 -2.03
N ASP B 346 -41.37 -17.69 -3.28
CA ASP B 346 -42.62 -18.25 -3.77
C ASP B 346 -42.41 -19.58 -4.48
N ILE B 347 -41.19 -20.12 -4.48
CA ILE B 347 -40.94 -21.37 -5.18
C ILE B 347 -41.75 -22.50 -4.55
N ALA B 348 -42.48 -23.24 -5.39
CA ALA B 348 -43.32 -24.37 -4.94
C ALA B 348 -42.71 -25.73 -5.21
N SER B 349 -42.13 -25.94 -6.39
CA SER B 349 -41.64 -27.27 -6.74
C SER B 349 -40.25 -27.48 -6.14
N PRO B 350 -39.94 -28.72 -5.72
CA PRO B 350 -38.57 -29.01 -5.27
C PRO B 350 -37.56 -29.15 -6.40
N PHE B 351 -37.99 -29.11 -7.65
CA PHE B 351 -37.10 -29.18 -8.80
C PHE B 351 -36.82 -27.83 -9.43
N THR B 352 -37.51 -26.78 -9.01
CA THR B 352 -37.37 -25.47 -9.61
C THR B 352 -36.16 -24.71 -9.06
N GLN B 353 -35.48 -23.95 -9.93
CA GLN B 353 -34.34 -23.17 -9.51
C GLN B 353 -34.41 -21.81 -10.14
N LEU B 354 -33.99 -20.79 -9.40
CA LEU B 354 -33.75 -19.47 -9.96
C LEU B 354 -32.23 -19.28 -9.97
N GLU B 355 -31.63 -19.34 -11.15
CA GLU B 355 -30.17 -19.36 -11.25
C GLU B 355 -29.64 -17.95 -11.44
N LEU B 356 -28.58 -17.60 -10.71
CA LEU B 356 -27.84 -16.36 -10.89
C LEU B 356 -26.41 -16.71 -11.27
N LEU B 357 -26.01 -16.41 -12.52
CA LEU B 357 -24.69 -16.78 -12.98
C LEU B 357 -23.88 -15.54 -13.35
N TYR B 358 -22.56 -15.64 -13.22
CA TYR B 358 -21.67 -14.54 -13.58
C TYR B 358 -20.63 -15.04 -14.57
N LEU B 359 -20.66 -14.52 -15.80
CA LEU B 359 -19.66 -14.87 -16.82
C LEU B 359 -18.53 -13.84 -16.84
N GLY B 360 -18.45 -13.03 -17.90
CA GLY B 360 -17.37 -12.06 -17.99
C GLY B 360 -16.04 -12.77 -18.18
N GLY B 361 -14.99 -12.22 -17.56
CA GLY B 361 -13.66 -12.80 -17.66
C GLY B 361 -13.25 -13.02 -19.09
N ALA B 362 -12.68 -14.21 -19.38
CA ALA B 362 -12.25 -14.52 -20.73
C ALA B 362 -13.39 -14.41 -21.75
N VAL B 363 -14.63 -14.77 -21.38
CA VAL B 363 -15.74 -14.59 -22.32
C VAL B 363 -15.83 -13.13 -22.79
N ALA B 364 -15.61 -12.18 -21.87
CA ALA B 364 -15.74 -10.76 -22.17
C ALA B 364 -14.54 -10.16 -22.89
N ARG B 365 -13.42 -10.86 -22.97
CA ARG B 365 -12.28 -10.31 -23.70
C ARG B 365 -12.28 -10.65 -25.19
N VAL B 366 -13.18 -11.49 -25.65
CA VAL B 366 -13.27 -11.72 -27.09
C VAL B 366 -13.99 -10.54 -27.73
N PRO B 367 -13.47 -9.97 -28.80
CA PRO B 367 -14.19 -8.88 -29.46
C PRO B 367 -15.59 -9.32 -29.86
N ASP B 368 -16.55 -8.43 -29.67
CA ASP B 368 -17.94 -8.81 -29.85
C ASP B 368 -18.23 -9.28 -31.26
N ASP B 369 -17.54 -8.72 -32.26
CA ASP B 369 -17.76 -9.11 -33.64
C ASP B 369 -17.10 -10.42 -34.03
N ALA B 370 -16.26 -11.00 -33.18
CA ALA B 370 -15.44 -12.14 -33.56
C ALA B 370 -16.22 -13.42 -33.80
N THR B 371 -17.41 -13.55 -33.19
CA THR B 371 -18.28 -14.70 -33.39
C THR B 371 -19.73 -14.22 -33.47
N ALA B 372 -20.64 -15.19 -33.67
CA ALA B 372 -22.08 -14.93 -33.71
C ALA B 372 -22.74 -14.95 -32.34
N TYR B 373 -21.99 -15.19 -31.28
CA TYR B 373 -22.56 -15.16 -29.94
C TYR B 373 -22.72 -13.72 -29.45
N PRO B 374 -23.90 -13.30 -29.04
CA PRO B 374 -24.10 -11.93 -28.56
C PRO B 374 -23.93 -11.77 -27.05
N ASN B 375 -23.71 -10.51 -26.66
CA ASN B 375 -23.76 -10.05 -25.26
C ASN B 375 -22.63 -10.65 -24.40
N ARG B 376 -21.44 -10.74 -25.00
CA ARG B 376 -20.26 -11.06 -24.21
C ARG B 376 -20.04 -10.04 -23.09
N GLN B 377 -20.44 -8.79 -23.30
CA GLN B 377 -20.13 -7.78 -22.29
C GLN B 377 -21.21 -7.69 -21.21
N SER B 378 -22.21 -8.55 -21.23
CA SER B 378 -23.13 -8.64 -20.11
C SER B 378 -22.71 -9.76 -19.19
N PRO B 379 -22.25 -9.48 -17.96
CA PRO B 379 -21.67 -10.54 -17.15
C PRO B 379 -22.69 -11.39 -16.40
N PHE B 380 -23.90 -10.90 -16.15
CA PHE B 380 -24.87 -11.63 -15.34
C PHE B 380 -25.79 -12.43 -16.25
N VAL B 381 -26.18 -13.62 -15.79
CA VAL B 381 -27.20 -14.44 -16.42
C VAL B 381 -28.15 -14.96 -15.36
N THR B 382 -29.45 -14.73 -15.55
CA THR B 382 -30.44 -15.31 -14.66
C THR B 382 -31.32 -16.26 -15.45
N ASN B 383 -31.67 -17.37 -14.82
CA ASN B 383 -32.43 -18.45 -15.42
C ASN B 383 -33.50 -18.86 -14.43
N LEU B 384 -34.77 -18.55 -14.74
CA LEU B 384 -35.88 -19.02 -13.92
C LEU B 384 -36.30 -20.36 -14.49
N ALA B 385 -35.86 -21.43 -13.86
CA ALA B 385 -35.94 -22.77 -14.40
C ALA B 385 -37.00 -23.54 -13.62
N ALA B 386 -38.25 -23.42 -14.04
CA ALA B 386 -39.31 -24.20 -13.42
C ALA B 386 -39.23 -25.65 -13.87
N ALA B 387 -39.40 -26.57 -12.93
CA ALA B 387 -39.36 -28.01 -13.18
C ALA B 387 -40.34 -28.70 -12.24
N TRP B 388 -41.11 -29.68 -12.76
CA TRP B 388 -42.17 -30.34 -11.99
C TRP B 388 -42.53 -31.68 -12.65
N MET B 389 -43.47 -32.41 -12.03
CA MET B 389 -43.89 -33.75 -12.45
C MET B 389 -45.33 -33.82 -12.91
N ASP B 390 -46.25 -33.17 -12.21
CA ASP B 390 -47.68 -33.32 -12.42
C ASP B 390 -48.15 -32.47 -13.60
N PRO B 391 -48.57 -33.10 -14.70
CA PRO B 391 -49.05 -32.32 -15.86
C PRO B 391 -50.24 -31.42 -15.53
N THR B 392 -50.99 -31.71 -14.47
CA THR B 392 -52.12 -30.85 -14.17
C THR B 392 -51.72 -29.55 -13.48
N GLU B 393 -50.45 -29.38 -13.12
CA GLU B 393 -50.01 -28.16 -12.45
C GLU B 393 -49.26 -27.19 -13.38
N ASP B 394 -49.29 -27.44 -14.69
CA ASP B 394 -48.46 -26.67 -15.62
C ASP B 394 -48.63 -25.16 -15.44
N ALA B 395 -49.88 -24.71 -15.26
CA ALA B 395 -50.13 -23.27 -15.31
C ALA B 395 -49.43 -22.55 -14.17
N ARG B 396 -49.45 -23.16 -12.97
CA ARG B 396 -48.84 -22.53 -11.81
C ARG B 396 -47.32 -22.40 -11.97
N HIS B 397 -46.66 -23.44 -12.50
CA HIS B 397 -45.20 -23.39 -12.58
C HIS B 397 -44.74 -22.46 -13.70
N THR B 398 -45.39 -22.57 -14.86
CA THR B 398 -45.17 -21.62 -15.94
C THR B 398 -45.41 -20.20 -15.47
N ALA B 399 -46.47 -19.98 -14.69
CA ALA B 399 -46.74 -18.63 -14.19
C ALA B 399 -45.62 -18.12 -13.30
N TRP B 400 -44.99 -19.01 -12.52
CA TRP B 400 -43.92 -18.57 -11.62
C TRP B 400 -42.73 -18.06 -12.42
N ALA B 401 -42.32 -18.81 -13.45
CA ALA B 401 -41.19 -18.36 -14.26
C ALA B 401 -41.53 -17.10 -15.02
N ARG B 402 -42.74 -17.02 -15.57
CA ARG B 402 -43.08 -15.85 -16.36
C ARG B 402 -43.17 -14.62 -15.48
N GLU B 403 -43.87 -14.73 -14.34
CA GLU B 403 -44.01 -13.58 -13.44
C GLU B 403 -42.66 -13.15 -12.89
N GLY B 404 -41.75 -14.09 -12.64
CA GLY B 404 -40.41 -13.70 -12.19
C GLY B 404 -39.65 -12.93 -13.25
N TYR B 405 -39.70 -13.41 -14.49
CA TYR B 405 -39.10 -12.70 -15.61
C TYR B 405 -39.73 -11.31 -15.77
N ARG B 406 -41.06 -11.24 -15.69
CA ARG B 406 -41.74 -9.95 -15.78
C ARG B 406 -41.25 -8.97 -14.72
N ALA B 407 -41.01 -9.46 -13.49
CA ALA B 407 -40.56 -8.58 -12.42
C ALA B 407 -39.13 -8.09 -12.62
N LEU B 408 -38.32 -8.83 -13.36
CA LEU B 408 -36.92 -8.48 -13.61
C LEU B 408 -36.69 -7.80 -14.94
N ALA B 409 -37.77 -7.45 -15.67
CA ALA B 409 -37.64 -7.26 -17.11
C ALA B 409 -36.74 -6.09 -17.46
N GLY B 410 -36.89 -4.97 -16.76
CA GLY B 410 -36.12 -3.82 -17.12
C GLY B 410 -34.65 -3.90 -16.78
N HIS B 411 -34.26 -4.88 -15.96
CA HIS B 411 -32.85 -5.09 -15.69
C HIS B 411 -32.21 -6.03 -16.68
N LEU B 412 -33.01 -6.64 -17.56
CA LEU B 412 -32.57 -7.77 -18.37
C LEU B 412 -32.48 -7.33 -19.81
N SER B 413 -31.50 -7.84 -20.54
CA SER B 413 -31.37 -7.51 -21.95
C SER B 413 -30.94 -8.74 -22.73
N GLY B 414 -31.29 -8.74 -24.01
CA GLY B 414 -30.87 -9.84 -24.83
C GLY B 414 -31.43 -11.15 -24.34
N GLY B 415 -30.67 -12.21 -24.57
CA GLY B 415 -31.05 -13.53 -24.16
C GLY B 415 -30.12 -14.58 -24.74
N TYR B 416 -29.89 -15.65 -23.98
CA TYR B 416 -29.11 -16.79 -24.43
C TYR B 416 -30.02 -17.72 -25.23
N VAL B 417 -29.72 -17.91 -26.52
CA VAL B 417 -30.60 -18.73 -27.36
C VAL B 417 -30.79 -20.14 -26.79
N ASN B 418 -29.79 -20.67 -26.08
CA ASN B 418 -29.89 -22.05 -25.56
C ASN B 418 -30.73 -22.19 -24.30
N PHE B 419 -31.26 -21.10 -23.76
CA PHE B 419 -32.19 -21.17 -22.64
C PHE B 419 -33.62 -20.75 -23.01
N MET B 420 -33.91 -20.57 -24.30
N MET B 420 -33.93 -20.61 -24.30
CA MET B 420 -35.24 -20.15 -24.73
CA MET B 420 -35.24 -20.12 -24.72
C MET B 420 -36.24 -21.30 -24.60
C MET B 420 -36.27 -21.24 -24.78
N ASN B 421 -37.49 -20.93 -24.37
CA ASN B 421 -38.57 -21.90 -24.16
C ASN B 421 -39.45 -21.97 -25.42
N PRO B 422 -40.39 -22.92 -25.49
CA PRO B 422 -41.08 -23.19 -26.77
C PRO B 422 -41.93 -22.05 -27.29
N GLY B 423 -42.28 -21.07 -26.46
CA GLY B 423 -43.04 -19.91 -26.90
C GLY B 423 -42.21 -18.71 -27.27
N GLU B 424 -40.88 -18.85 -27.33
CA GLU B 424 -39.99 -17.70 -27.47
C GLU B 424 -39.31 -17.61 -28.84
N ALA B 425 -40.00 -18.05 -29.90
CA ALA B 425 -39.48 -17.86 -31.25
C ALA B 425 -39.19 -16.40 -31.56
N ASP B 426 -40.01 -15.49 -31.03
CA ASP B 426 -39.92 -14.05 -31.32
C ASP B 426 -38.70 -13.39 -30.70
N ARG B 427 -38.01 -14.03 -29.76
CA ARG B 427 -36.90 -13.40 -29.07
C ARG B 427 -35.58 -13.45 -29.86
N THR B 428 -35.57 -14.07 -31.05
CA THR B 428 -34.30 -14.28 -31.76
C THR B 428 -33.66 -12.95 -32.15
N ARG B 429 -34.46 -12.01 -32.66
CA ARG B 429 -33.92 -10.71 -33.03
C ARG B 429 -33.35 -9.99 -31.81
N GLU B 430 -34.13 -9.95 -30.71
CA GLU B 430 -33.64 -9.28 -29.51
C GLU B 430 -32.37 -9.93 -29.00
N ALA B 431 -32.27 -11.26 -29.14
CA ALA B 431 -31.14 -11.97 -28.58
C ALA B 431 -29.84 -11.58 -29.27
N TYR B 432 -29.81 -11.62 -30.60
CA TYR B 432 -28.59 -11.30 -31.33
C TYR B 432 -28.35 -9.79 -31.49
N GLY B 433 -29.40 -8.99 -31.56
CA GLY B 433 -29.25 -7.58 -31.91
C GLY B 433 -29.26 -7.37 -33.42
N ALA B 434 -29.59 -6.13 -33.80
CA ALA B 434 -29.85 -5.84 -35.21
C ALA B 434 -28.63 -6.15 -36.08
N ALA B 435 -27.45 -5.67 -35.69
CA ALA B 435 -26.25 -5.87 -36.51
C ALA B 435 -25.98 -7.36 -36.75
N LYS B 436 -25.98 -8.17 -35.67
CA LYS B 436 -25.67 -9.61 -35.76
C LYS B 436 -26.72 -10.35 -36.58
N PHE B 437 -28.00 -10.17 -36.21
CA PHE B 437 -29.09 -10.82 -36.91
C PHE B 437 -29.02 -10.59 -38.42
N GLU B 438 -28.69 -9.36 -38.84
CA GLU B 438 -28.65 -9.10 -40.27
C GLU B 438 -27.46 -9.78 -40.97
N ARG B 439 -26.34 -9.79 -40.26
CA ARG B 439 -25.09 -10.44 -40.71
C ARG B 439 -25.30 -11.94 -40.82
N LEU B 440 -26.07 -12.49 -39.90
CA LEU B 440 -26.41 -13.89 -39.94
C LEU B 440 -27.38 -14.12 -41.06
N GLN B 441 -28.42 -13.32 -41.18
CA GLN B 441 -29.39 -13.46 -42.24
C GLN B 441 -28.73 -13.53 -43.61
N GLY B 442 -27.58 -12.88 -43.78
CA GLY B 442 -26.84 -13.01 -45.04
C GLY B 442 -26.17 -14.37 -45.21
N VAL B 443 -25.69 -14.94 -44.12
CA VAL B 443 -25.12 -16.29 -44.19
C VAL B 443 -26.20 -17.32 -44.48
N LYS B 444 -27.39 -17.12 -43.91
CA LYS B 444 -28.49 -18.04 -44.14
C LYS B 444 -28.92 -18.05 -45.61
N ALA B 445 -28.99 -16.88 -46.25
CA ALA B 445 -29.39 -16.85 -47.65
C ALA B 445 -28.38 -17.59 -48.53
N LYS B 446 -27.10 -17.56 -48.15
CA LYS B 446 -26.08 -18.27 -48.91
C LYS B 446 -26.17 -19.77 -48.67
N TYR B 447 -26.25 -20.19 -47.40
CA TYR B 447 -26.14 -21.60 -47.08
C TYR B 447 -27.47 -22.32 -46.85
N ASP B 448 -28.55 -21.64 -46.44
CA ASP B 448 -29.85 -22.31 -46.29
C ASP B 448 -30.96 -21.44 -46.87
N PRO B 449 -30.92 -21.20 -48.18
CA PRO B 449 -31.88 -20.24 -48.78
C PRO B 449 -33.33 -20.65 -48.67
N THR B 450 -33.63 -21.95 -48.61
CA THR B 450 -35.01 -22.35 -48.42
C THR B 450 -35.37 -22.55 -46.96
N ASN B 451 -34.47 -22.22 -46.04
CA ASN B 451 -34.75 -22.38 -44.61
C ASN B 451 -35.17 -23.80 -44.32
N LEU B 452 -34.35 -24.75 -44.78
CA LEU B 452 -34.63 -26.15 -44.49
C LEU B 452 -34.49 -26.44 -43.00
N PHE B 453 -33.57 -25.75 -42.35
CA PHE B 453 -33.24 -25.96 -40.93
C PHE B 453 -33.93 -24.85 -40.15
N ARG B 454 -35.16 -25.12 -39.71
CA ARG B 454 -35.96 -24.10 -39.05
C ARG B 454 -36.31 -24.41 -37.61
N LEU B 455 -36.05 -25.62 -37.13
CA LEU B 455 -36.39 -25.98 -35.76
C LEU B 455 -35.17 -25.64 -34.91
N ASN B 456 -35.10 -24.37 -34.53
CA ASN B 456 -33.97 -23.73 -33.86
C ASN B 456 -34.37 -22.28 -33.55
N GLN B 457 -33.53 -21.51 -32.86
CA GLN B 457 -33.79 -20.09 -32.74
C GLN B 457 -33.60 -19.50 -34.13
N ASN B 458 -34.67 -19.39 -34.89
CA ASN B 458 -34.55 -19.41 -36.34
C ASN B 458 -34.17 -18.06 -36.93
N ILE B 459 -33.27 -18.11 -37.91
CA ILE B 459 -32.85 -16.93 -38.64
C ILE B 459 -33.32 -17.10 -40.08
N PRO B 460 -34.41 -16.42 -40.49
CA PRO B 460 -34.89 -16.56 -41.86
C PRO B 460 -33.91 -15.96 -42.85
N PRO B 461 -33.79 -16.52 -44.07
CA PRO B 461 -32.73 -16.08 -45.00
C PRO B 461 -33.00 -14.71 -45.62
N SER B 462 -31.89 -13.98 -45.81
CA SER B 462 -31.74 -12.76 -46.64
C SER B 462 -31.66 -11.49 -45.78
PA FAD C . 22.39 20.13 17.16
O1A FAD C . 20.99 20.25 17.66
O2A FAD C . 22.76 18.80 16.54
O5B FAD C . 22.64 21.24 16.11
C5B FAD C . 22.59 22.64 16.48
C4B FAD C . 22.72 23.52 15.26
O4B FAD C . 24.02 23.34 14.66
C3B FAD C . 21.71 23.25 14.15
O3B FAD C . 21.36 24.49 13.51
C2B FAD C . 22.47 22.29 13.22
O2B FAD C . 21.98 22.43 11.90
C1B FAD C . 23.89 22.83 13.35
N9A FAD C . 24.98 21.87 13.16
C8A FAD C . 25.42 20.98 14.10
N7A FAD C . 26.48 20.30 13.73
C5A FAD C . 26.78 20.81 12.48
C6A FAD C . 27.80 20.51 11.56
N6A FAD C . 28.75 19.58 11.77
N1A FAD C . 27.84 21.21 10.41
C2A FAD C . 26.89 22.13 10.20
N3A FAD C . 25.89 22.51 11.00
C4A FAD C . 25.88 21.80 12.13
N1 FAD C . 27.26 26.11 24.55
C2 FAD C . 28.44 26.68 24.95
O2 FAD C . 29.05 27.51 24.25
N3 FAD C . 28.97 26.34 26.20
C4 FAD C . 28.42 25.44 27.09
O4 FAD C . 28.97 25.19 28.17
C4X FAD C . 27.18 24.84 26.66
N5 FAD C . 26.60 24.00 27.45
C5X FAD C . 25.43 23.41 27.05
C6 FAD C . 24.82 22.49 27.91
C7 FAD C . 23.63 21.86 27.54
C7M FAD C . 22.99 20.88 28.49
C8 FAD C . 23.03 22.17 26.31
C8M FAD C . 21.71 21.56 25.91
C9 FAD C . 23.64 23.10 25.45
C9A FAD C . 24.83 23.71 25.81
N10 FAD C . 25.49 24.63 24.97
C10 FAD C . 26.67 25.23 25.37
C1' FAD C . 24.87 25.06 23.69
C2' FAD C . 25.42 24.36 22.45
O2' FAD C . 26.59 25.03 21.99
C3' FAD C . 24.39 24.45 21.33
O3' FAD C . 23.16 23.86 21.76
C4' FAD C . 24.82 23.73 20.06
O4' FAD C . 24.00 24.16 18.97
C5' FAD C . 24.70 22.23 20.26
O5' FAD C . 25.35 21.55 19.16
P FAD C . 24.88 20.12 18.70
O1P FAD C . 25.64 19.68 17.45
O2P FAD C . 24.94 19.32 19.98
O3P FAD C . 23.38 20.45 18.35
O1 OXY D . 28.34 22.35 26.35
O2 OXY D . 28.71 21.71 27.28
PA FAD E . -31.10 -30.75 -28.89
O1A FAD E . -32.52 -30.82 -28.37
O2A FAD E . -30.67 -32.04 -29.55
O5B FAD E . -30.74 -29.58 -30.00
C5B FAD E . -30.77 -28.17 -29.66
C4B FAD E . -30.75 -27.33 -30.91
O4B FAD E . -29.49 -27.49 -31.60
C3B FAD E . -31.81 -27.64 -31.96
O3B FAD E . -32.04 -26.43 -32.68
C2B FAD E . -31.11 -28.70 -32.81
O2B FAD E . -31.64 -28.73 -34.14
C1B FAD E . -29.68 -28.18 -32.82
N9A FAD E . -28.60 -29.15 -32.97
C8A FAD E . -28.17 -30.08 -32.04
N7A FAD E . -27.13 -30.77 -32.43
C5A FAD E . -26.82 -30.25 -33.68
C6A FAD E . -25.82 -30.55 -34.63
N6A FAD E . -24.88 -31.49 -34.45
N1A FAD E . -25.81 -29.86 -35.79
C2A FAD E . -26.73 -28.91 -35.97
N3A FAD E . -27.73 -28.53 -35.16
C4A FAD E . -27.71 -29.24 -34.02
N1 FAD E . -26.08 -24.53 -21.79
C2 FAD E . -24.92 -23.91 -21.41
O2 FAD E . -24.33 -23.12 -22.17
N3 FAD E . -24.37 -24.19 -20.18
C4 FAD E . -24.90 -25.04 -19.23
O4 FAD E . -24.33 -25.20 -18.14
C4X FAD E . -26.13 -25.67 -19.63
N5 FAD E . -26.70 -26.50 -18.79
C5X FAD E . -27.86 -27.09 -19.18
C6 FAD E . -28.48 -27.99 -18.31
C7 FAD E . -29.67 -28.63 -18.65
C7M FAD E . -30.31 -29.58 -17.67
C8 FAD E . -30.24 -28.38 -19.91
C8M FAD E . -31.55 -29.01 -20.31
C9 FAD E . -29.64 -27.49 -20.78
C9A FAD E . -28.46 -26.85 -20.43
N10 FAD E . -27.81 -25.97 -21.32
C10 FAD E . -26.65 -25.34 -20.93
C1' FAD E . -28.43 -25.62 -22.60
C2' FAD E . -27.95 -26.44 -23.80
O2' FAD E . -26.76 -25.83 -24.30
C3' FAD E . -29.00 -26.33 -24.91
O3' FAD E . -30.28 -26.77 -24.49
C4' FAD E . -28.61 -27.08 -26.18
O4' FAD E . -29.52 -26.70 -27.21
C5' FAD E . -28.63 -28.56 -25.93
O5' FAD E . -28.16 -29.27 -27.10
P FAD E . -28.61 -30.75 -27.39
O1P FAD E . -27.94 -31.32 -28.64
O2P FAD E . -28.52 -31.48 -26.09
O3P FAD E . -30.12 -30.44 -27.70
O1 OXY F . -24.73 -28.40 -18.60
O2 OXY F . -24.92 -28.44 -19.79
#